data_5YW2
#
_entry.id   5YW2
#
_cell.length_a   54.168
_cell.length_b   82.147
_cell.length_c   170.119
_cell.angle_alpha   90.00
_cell.angle_beta   90.00
_cell.angle_gamma   90.00
#
_symmetry.space_group_name_H-M   'P 21 21 21'
#
loop_
_entity.id
_entity.type
_entity.pdbx_description
1 polymer 'Adenine phosphoribosyltransferase'
2 non-polymer 'SULFATE ION'
3 non-polymer 'MAGNESIUM ION'
4 non-polymer 'CHLORIDE ION'
5 water water
#
_entity_poly.entity_id   1
_entity_poly.type   'polypeptide(L)'
_entity_poly.pdbx_seq_one_letter_code
;DDDKMNLDFIKSKIAAVPDFPKPGIMFRDITPLLADPQGLRKTAEAMAQELKNKGIQPTIVAGTESRGFIFGVALAEVLG
LGFVPVRKPGKLPRATYSVKYDLEYGSDSLEIHQDAFKVTDEVLVVDDLLATGGTAKATVDLIEKTQAKVAGLIFVMELD
GLGGREVLAGYNVSALIKF
;
_entity_poly.pdbx_strand_id   A,C,B,D
#
# COMPACT_ATOMS: atom_id res chain seq x y z
N ASP A 2 -44.82 7.51 -13.17
CA ASP A 2 -43.64 7.86 -12.33
C ASP A 2 -42.31 7.13 -12.74
N ASP A 3 -42.35 6.13 -13.64
CA ASP A 3 -41.17 5.41 -14.22
C ASP A 3 -40.80 6.00 -15.61
N LYS A 4 -41.81 6.07 -16.47
CA LYS A 4 -41.71 6.81 -17.76
C LYS A 4 -41.40 8.31 -17.56
N MET A 5 -42.09 8.95 -16.62
CA MET A 5 -41.89 10.37 -16.35
C MET A 5 -40.42 10.70 -15.99
N ASN A 6 -39.78 9.80 -15.26
CA ASN A 6 -38.40 9.94 -14.84
C ASN A 6 -37.42 9.87 -16.01
N LEU A 7 -37.67 8.96 -16.92
CA LEU A 7 -36.88 8.85 -18.12
C LEU A 7 -36.95 10.10 -18.98
N ASP A 8 -38.14 10.63 -19.16
CA ASP A 8 -38.32 11.80 -19.99
C ASP A 8 -37.64 12.98 -19.33
N PHE A 9 -37.76 13.11 -18.01
CA PHE A 9 -36.94 14.05 -17.27
C PHE A 9 -35.40 13.93 -17.56
N ILE A 10 -34.87 12.70 -17.57
CA ILE A 10 -33.45 12.50 -17.71
C ILE A 10 -33.04 12.86 -19.11
N LYS A 11 -33.80 12.38 -20.11
CA LYS A 11 -33.64 12.77 -21.52
C LYS A 11 -33.60 14.25 -21.73
N SER A 12 -34.53 14.94 -21.12
CA SER A 12 -34.66 16.37 -21.28
C SER A 12 -33.46 17.16 -20.70
N LYS A 13 -32.60 16.51 -19.89
CA LYS A 13 -31.46 17.27 -19.35
C LYS A 13 -30.13 16.95 -20.07
N ILE A 14 -30.20 16.07 -21.07
CA ILE A 14 -29.08 15.68 -21.91
C ILE A 14 -29.11 16.43 -23.24
N ALA A 15 -28.18 17.37 -23.45
CA ALA A 15 -28.21 18.26 -24.62
C ALA A 15 -27.40 17.61 -25.72
N ALA A 16 -27.90 17.69 -26.91
CA ALA A 16 -27.20 17.27 -28.09
C ALA A 16 -26.32 18.45 -28.55
N VAL A 17 -25.05 18.20 -28.81
CA VAL A 17 -24.13 19.24 -29.23
C VAL A 17 -23.43 18.79 -30.53
N PRO A 18 -23.78 19.41 -31.68
CA PRO A 18 -23.14 18.96 -32.92
C PRO A 18 -21.66 19.25 -32.94
N ASP A 19 -20.97 18.37 -33.64
CA ASP A 19 -19.65 18.64 -34.07
C ASP A 19 -18.68 18.74 -32.89
N PHE A 20 -18.87 17.93 -31.83
CA PHE A 20 -17.89 17.84 -30.77
C PHE A 20 -17.62 16.38 -30.54
N PRO A 21 -16.38 15.97 -30.33
CA PRO A 21 -15.18 16.84 -30.24
C PRO A 21 -14.54 17.22 -31.62
N LYS A 22 -15.09 16.69 -32.70
CA LYS A 22 -14.63 16.90 -34.03
C LYS A 22 -15.83 16.95 -34.94
N PRO A 23 -15.60 17.49 -36.13
CA PRO A 23 -16.72 17.70 -37.01
C PRO A 23 -17.26 16.38 -37.50
N GLY A 24 -18.60 16.33 -37.64
CA GLY A 24 -19.29 15.10 -37.99
C GLY A 24 -19.71 14.10 -36.93
N ILE A 25 -19.66 14.49 -35.64
N ILE A 25 -19.78 14.49 -35.66
CA ILE A 25 -20.13 13.65 -34.50
CA ILE A 25 -20.31 13.57 -34.65
C ILE A 25 -21.10 14.45 -33.62
C ILE A 25 -21.04 14.36 -33.57
N MET A 26 -22.18 13.80 -33.14
CA MET A 26 -23.09 14.40 -32.18
C MET A 26 -22.50 14.05 -30.78
N PHE A 27 -22.49 15.02 -29.86
CA PHE A 27 -22.08 14.77 -28.44
C PHE A 27 -23.30 14.84 -27.52
N ARG A 28 -23.34 14.01 -26.52
CA ARG A 28 -24.44 14.05 -25.54
C ARG A 28 -23.87 14.67 -24.30
N ASP A 29 -24.28 15.91 -24.02
CA ASP A 29 -23.76 16.66 -22.87
C ASP A 29 -24.63 16.40 -21.62
N ILE A 30 -24.03 15.76 -20.63
CA ILE A 30 -24.71 15.49 -19.34
C ILE A 30 -24.72 16.65 -18.36
N THR A 31 -23.99 17.74 -18.61
CA THR A 31 -23.83 18.74 -17.59
C THR A 31 -25.16 19.36 -17.10
N PRO A 32 -26.15 19.59 -17.95
CA PRO A 32 -27.43 20.07 -17.30
C PRO A 32 -28.11 19.03 -16.42
N LEU A 33 -27.94 17.75 -16.76
CA LEU A 33 -28.41 16.72 -15.87
C LEU A 33 -27.67 16.74 -14.53
N LEU A 34 -26.34 16.84 -14.58
CA LEU A 34 -25.58 16.88 -13.31
C LEU A 34 -25.94 18.08 -12.39
N ALA A 35 -26.16 19.22 -13.01
CA ALA A 35 -26.41 20.49 -12.31
C ALA A 35 -27.79 20.53 -11.68
N ASP A 36 -28.77 19.89 -12.26
CA ASP A 36 -30.07 19.77 -11.62
C ASP A 36 -30.06 18.93 -10.34
N PRO A 37 -30.50 19.49 -9.21
CA PRO A 37 -30.51 18.81 -7.89
C PRO A 37 -31.04 17.38 -7.89
N GLN A 38 -31.94 17.10 -8.83
CA GLN A 38 -32.51 15.75 -9.02
C GLN A 38 -31.85 14.85 -10.10
N GLY A 39 -31.01 15.42 -10.95
CA GLY A 39 -30.55 14.68 -12.11
C GLY A 39 -29.83 13.37 -11.78
N LEU A 40 -28.78 13.43 -10.96
CA LEU A 40 -28.04 12.21 -10.58
C LEU A 40 -28.87 11.26 -9.70
N ARG A 41 -29.67 11.80 -8.79
N ARG A 41 -29.67 11.78 -8.79
CA ARG A 41 -30.58 10.96 -8.01
CA ARG A 41 -30.52 10.91 -7.99
C ARG A 41 -31.51 10.15 -8.89
C ARG A 41 -31.54 10.15 -8.84
N LYS A 42 -32.20 10.79 -9.81
CA LYS A 42 -33.18 10.06 -10.61
C LYS A 42 -32.50 9.03 -11.54
N THR A 43 -31.33 9.42 -12.06
CA THR A 43 -30.59 8.59 -12.93
C THR A 43 -30.17 7.34 -12.17
N ALA A 44 -29.62 7.51 -10.99
CA ALA A 44 -29.19 6.40 -10.19
C ALA A 44 -30.37 5.46 -9.80
N GLU A 45 -31.51 6.06 -9.43
CA GLU A 45 -32.75 5.35 -9.09
C GLU A 45 -33.35 4.66 -10.28
N ALA A 46 -33.35 5.26 -11.49
CA ALA A 46 -33.81 4.53 -12.66
C ALA A 46 -32.91 3.36 -12.93
N MET A 47 -31.61 3.53 -12.74
CA MET A 47 -30.70 2.40 -12.96
C MET A 47 -30.99 1.30 -11.94
N ALA A 48 -31.16 1.66 -10.66
CA ALA A 48 -31.41 0.64 -9.67
C ALA A 48 -32.70 -0.14 -9.96
N GLN A 49 -33.73 0.57 -10.44
CA GLN A 49 -35.02 -0.01 -10.81
C GLN A 49 -34.83 -1.01 -11.95
N GLU A 50 -34.01 -0.64 -12.93
CA GLU A 50 -33.76 -1.54 -14.04
C GLU A 50 -32.99 -2.80 -13.54
N LEU A 51 -32.02 -2.65 -12.65
CA LEU A 51 -31.30 -3.82 -12.13
C LEU A 51 -32.24 -4.76 -11.29
N LYS A 52 -33.06 -4.20 -10.41
CA LYS A 52 -34.16 -4.92 -9.70
C LYS A 52 -35.09 -5.72 -10.65
N ASN A 53 -35.67 -5.06 -11.66
CA ASN A 53 -36.46 -5.71 -12.75
C ASN A 53 -35.80 -6.89 -13.43
N LYS A 54 -34.47 -6.90 -13.53
CA LYS A 54 -33.75 -8.01 -14.18
C LYS A 54 -33.15 -9.00 -13.21
N GLY A 55 -33.31 -8.76 -11.90
CA GLY A 55 -32.68 -9.58 -10.86
C GLY A 55 -31.16 -9.56 -10.78
N ILE A 56 -30.58 -8.38 -10.99
CA ILE A 56 -29.11 -8.28 -10.93
C ILE A 56 -28.79 -7.66 -9.60
N GLN A 57 -27.90 -8.33 -8.90
CA GLN A 57 -27.63 -8.02 -7.46
C GLN A 57 -26.12 -7.96 -7.30
N PRO A 58 -25.52 -6.81 -7.62
CA PRO A 58 -24.04 -6.82 -7.63
C PRO A 58 -23.53 -6.70 -6.21
N THR A 59 -22.29 -7.04 -5.94
CA THR A 59 -21.70 -6.76 -4.67
C THR A 59 -20.84 -5.49 -4.71
N ILE A 60 -20.60 -4.91 -5.88
CA ILE A 60 -19.64 -3.78 -5.99
C ILE A 60 -19.77 -3.14 -7.38
N VAL A 61 -19.47 -1.85 -7.48
CA VAL A 61 -19.59 -1.08 -8.71
C VAL A 61 -18.21 -0.67 -9.24
N ALA A 62 -18.03 -0.70 -10.55
CA ALA A 62 -16.84 -0.18 -11.24
C ALA A 62 -17.22 0.82 -12.29
N GLY A 63 -16.42 1.89 -12.43
CA GLY A 63 -16.67 2.95 -13.44
C GLY A 63 -15.40 3.40 -14.10
N THR A 64 -15.42 3.69 -15.41
CA THR A 64 -14.31 4.35 -16.04
C THR A 64 -14.20 5.86 -15.83
N GLU A 65 -12.99 6.29 -16.06
CA GLU A 65 -12.57 7.63 -15.83
C GLU A 65 -13.14 8.27 -17.03
N SER A 66 -13.91 9.35 -16.94
CA SER A 66 -14.35 10.06 -15.76
C SER A 66 -15.85 10.11 -15.54
N ARG A 67 -16.62 10.00 -16.59
N ARG A 67 -16.62 10.02 -16.60
CA ARG A 67 -18.08 10.04 -16.44
CA ARG A 67 -18.09 10.03 -16.46
C ARG A 67 -18.61 8.74 -15.79
C ARG A 67 -18.61 8.75 -15.79
N GLY A 68 -17.91 7.63 -16.00
CA GLY A 68 -18.21 6.44 -15.26
C GLY A 68 -18.05 6.62 -13.74
N PHE A 69 -17.11 7.50 -13.31
CA PHE A 69 -17.00 7.81 -11.92
C PHE A 69 -18.26 8.47 -11.46
N ILE A 70 -18.80 9.39 -12.24
CA ILE A 70 -19.92 10.16 -11.83
C ILE A 70 -21.19 9.28 -11.64
N PHE A 71 -21.56 8.49 -12.66
CA PHE A 71 -22.75 7.70 -12.56
C PHE A 71 -22.53 6.51 -11.69
N GLY A 72 -21.32 5.97 -11.70
CA GLY A 72 -20.98 4.83 -10.82
C GLY A 72 -21.06 5.09 -9.33
N VAL A 73 -20.55 6.24 -8.89
CA VAL A 73 -20.61 6.64 -7.49
C VAL A 73 -22.04 6.95 -7.09
N ALA A 74 -22.73 7.68 -7.96
CA ALA A 74 -24.16 7.93 -7.74
C ALA A 74 -24.95 6.55 -7.53
N LEU A 75 -24.83 5.59 -8.44
CA LEU A 75 -25.54 4.38 -8.27
C LEU A 75 -25.00 3.57 -7.08
N ALA A 76 -23.69 3.54 -6.82
CA ALA A 76 -23.15 2.79 -5.70
C ALA A 76 -23.72 3.21 -4.38
N GLU A 77 -23.95 4.50 -4.22
CA GLU A 77 -24.55 5.06 -2.99
C GLU A 77 -25.99 4.66 -2.82
N VAL A 78 -26.77 4.76 -3.88
CA VAL A 78 -28.08 4.20 -3.91
C VAL A 78 -28.16 2.69 -3.64
N LEU A 79 -27.24 1.87 -4.12
CA LEU A 79 -27.28 0.44 -3.81
C LEU A 79 -26.59 0.11 -2.52
N GLY A 80 -25.81 1.03 -1.93
CA GLY A 80 -25.07 0.75 -0.71
C GLY A 80 -23.84 -0.14 -0.92
N LEU A 81 -23.27 -0.05 -2.12
CA LEU A 81 -22.08 -0.82 -2.45
C LEU A 81 -20.87 0.08 -2.53
N GLY A 82 -19.69 -0.53 -2.53
CA GLY A 82 -18.45 0.18 -2.74
C GLY A 82 -18.20 0.45 -4.19
N PHE A 83 -17.13 1.17 -4.49
CA PHE A 83 -16.84 1.61 -5.86
C PHE A 83 -15.39 1.42 -6.17
N VAL A 84 -15.10 1.04 -7.42
CA VAL A 84 -13.76 0.81 -7.87
C VAL A 84 -13.54 1.59 -9.12
N PRO A 85 -12.50 2.39 -9.12
CA PRO A 85 -12.28 3.16 -10.29
C PRO A 85 -11.45 2.36 -11.26
N VAL A 86 -11.85 2.43 -12.53
CA VAL A 86 -11.07 1.94 -13.61
C VAL A 86 -10.35 3.06 -14.35
N ARG A 87 -9.03 3.04 -14.37
CA ARG A 87 -8.31 4.29 -14.72
C ARG A 87 -7.38 4.15 -15.86
N LYS A 88 -7.17 5.28 -16.50
CA LYS A 88 -6.04 5.50 -17.36
C LYS A 88 -4.67 5.19 -16.73
N PRO A 89 -3.71 4.71 -17.53
CA PRO A 89 -2.40 4.27 -17.00
C PRO A 89 -1.67 5.34 -16.20
N GLY A 90 -0.95 4.91 -15.18
CA GLY A 90 -0.18 5.83 -14.40
C GLY A 90 -0.95 6.57 -13.32
N LYS A 91 -2.24 6.28 -13.10
CA LYS A 91 -2.97 7.01 -12.00
C LYS A 91 -3.12 6.20 -10.74
N LEU A 92 -3.34 4.90 -10.90
CA LEU A 92 -3.36 4.02 -9.75
C LEU A 92 -1.98 3.80 -9.11
N PRO A 93 -1.85 3.97 -7.80
CA PRO A 93 -0.55 3.81 -7.10
C PRO A 93 0.05 2.43 -6.87
N ARG A 94 -0.76 1.40 -6.67
CA ARG A 94 -0.29 0.08 -6.15
C ARG A 94 -0.38 -0.88 -7.29
N ALA A 95 -0.31 -2.17 -7.04
CA ALA A 95 -0.18 -3.14 -8.13
C ALA A 95 -1.43 -3.10 -9.04
N THR A 96 -1.23 -3.03 -10.34
CA THR A 96 -2.35 -3.00 -11.33
C THR A 96 -2.42 -4.25 -12.20
N TYR A 97 -3.60 -4.50 -12.72
CA TYR A 97 -3.77 -5.24 -13.94
C TYR A 97 -4.05 -4.23 -15.02
N SER A 98 -3.74 -4.65 -16.27
CA SER A 98 -3.82 -3.78 -17.42
C SER A 98 -4.46 -4.46 -18.64
N VAL A 99 -5.24 -3.71 -19.44
CA VAL A 99 -5.72 -4.22 -20.72
C VAL A 99 -5.62 -3.13 -21.78
N LYS A 100 -4.90 -3.48 -22.85
CA LYS A 100 -4.71 -2.63 -24.03
C LYS A 100 -5.88 -2.89 -25.04
N TYR A 101 -6.49 -1.83 -25.57
CA TYR A 101 -7.62 -1.95 -26.54
C TYR A 101 -7.52 -0.83 -27.60
N ASP A 102 -8.02 -1.13 -28.79
CA ASP A 102 -8.09 -0.20 -29.94
C ASP A 102 -9.37 0.63 -29.78
N LEU A 103 -9.34 1.87 -30.24
CA LEU A 103 -10.58 2.64 -30.36
C LEU A 103 -10.48 3.68 -31.46
N GLU A 104 -11.41 4.64 -31.56
CA GLU A 104 -11.43 5.71 -32.63
C GLU A 104 -10.04 6.34 -32.96
N TYR A 105 -9.44 6.99 -31.95
CA TYR A 105 -8.16 7.74 -32.07
C TYR A 105 -6.88 6.94 -32.17
N GLY A 106 -6.98 5.61 -31.97
CA GLY A 106 -5.86 4.69 -32.14
C GLY A 106 -5.99 3.59 -31.05
N SER A 107 -5.33 3.78 -29.90
CA SER A 107 -5.32 2.75 -28.86
C SER A 107 -4.82 3.35 -27.60
N ASP A 108 -5.16 2.62 -26.53
CA ASP A 108 -4.94 3.03 -25.14
C ASP A 108 -5.12 1.82 -24.19
N SER A 109 -5.01 2.10 -22.89
CA SER A 109 -4.99 1.12 -21.84
C SER A 109 -5.95 1.49 -20.75
N LEU A 110 -6.48 0.51 -20.03
CA LEU A 110 -7.17 0.78 -18.79
C LEU A 110 -6.56 -0.09 -17.68
N GLU A 111 -6.67 0.39 -16.44
CA GLU A 111 -6.06 -0.28 -15.34
C GLU A 111 -7.01 -0.42 -14.13
N ILE A 112 -6.87 -1.52 -13.37
CA ILE A 112 -7.38 -1.58 -11.98
C ILE A 112 -6.31 -2.07 -11.00
N HIS A 113 -6.46 -1.77 -9.73
CA HIS A 113 -5.63 -2.37 -8.66
C HIS A 113 -5.91 -3.87 -8.67
N GLN A 114 -4.89 -4.70 -8.44
CA GLN A 114 -5.08 -6.14 -8.35
C GLN A 114 -6.04 -6.58 -7.21
N ASP A 115 -6.18 -5.77 -6.19
CA ASP A 115 -6.99 -6.19 -5.04
C ASP A 115 -8.34 -5.44 -5.06
N ALA A 116 -8.71 -4.85 -6.19
CA ALA A 116 -9.99 -4.12 -6.29
C ALA A 116 -11.18 -5.03 -5.92
N PHE A 117 -11.11 -6.28 -6.27
CA PHE A 117 -12.24 -7.16 -6.21
C PHE A 117 -11.81 -8.46 -5.50
N LYS A 118 -12.65 -9.00 -4.61
CA LYS A 118 -12.48 -10.35 -4.09
C LYS A 118 -12.90 -11.39 -5.13
N VAL A 119 -12.57 -12.63 -4.87
CA VAL A 119 -12.95 -13.67 -5.80
C VAL A 119 -14.48 -13.89 -5.77
N THR A 120 -15.09 -13.51 -4.65
CA THR A 120 -16.50 -13.51 -4.34
C THR A 120 -17.34 -12.42 -5.06
N ASP A 121 -16.71 -11.33 -5.58
CA ASP A 121 -17.50 -10.19 -6.06
C ASP A 121 -18.24 -10.40 -7.39
N GLU A 122 -19.44 -9.81 -7.44
CA GLU A 122 -20.30 -9.71 -8.64
C GLU A 122 -20.42 -8.20 -9.03
N VAL A 123 -19.61 -7.85 -10.03
CA VAL A 123 -19.18 -6.49 -10.36
C VAL A 123 -20.10 -5.86 -11.36
N LEU A 124 -20.72 -4.75 -10.98
CA LEU A 124 -21.49 -3.96 -11.95
C LEU A 124 -20.64 -2.89 -12.59
N VAL A 125 -20.55 -2.89 -13.88
CA VAL A 125 -19.89 -1.81 -14.63
C VAL A 125 -20.93 -0.75 -14.90
N VAL A 126 -20.60 0.49 -14.60
CA VAL A 126 -21.38 1.64 -14.97
C VAL A 126 -20.60 2.59 -15.88
N ASP A 127 -21.27 3.14 -16.88
CA ASP A 127 -20.69 4.12 -17.75
C ASP A 127 -21.77 5.00 -18.33
N ASP A 128 -21.35 6.09 -18.94
CA ASP A 128 -22.34 7.02 -19.47
C ASP A 128 -22.95 6.47 -20.72
N LEU A 129 -22.15 5.91 -21.61
CA LEU A 129 -22.57 5.71 -22.99
C LEU A 129 -22.01 4.48 -23.54
N LEU A 130 -22.88 3.69 -24.20
CA LEU A 130 -22.49 2.51 -24.96
C LEU A 130 -22.56 2.78 -26.47
N ALA A 131 -21.44 2.57 -27.13
CA ALA A 131 -21.27 2.95 -28.54
C ALA A 131 -20.78 1.66 -29.18
N THR A 132 -19.46 1.52 -29.41
CA THR A 132 -18.92 0.31 -30.08
C THR A 132 -18.82 -0.78 -29.05
N GLY A 133 -18.75 -0.39 -27.78
CA GLY A 133 -18.57 -1.38 -26.74
C GLY A 133 -17.14 -1.76 -26.50
N GLY A 134 -16.16 -1.13 -27.19
CA GLY A 134 -14.72 -1.44 -26.91
C GLY A 134 -14.16 -1.19 -25.50
N THR A 135 -14.45 -0.04 -24.92
CA THR A 135 -14.05 0.28 -23.51
C THR A 135 -14.78 -0.60 -22.52
N ALA A 136 -16.07 -0.81 -22.76
CA ALA A 136 -16.74 -1.74 -21.88
C ALA A 136 -16.19 -3.14 -21.95
N LYS A 137 -15.84 -3.62 -23.13
CA LYS A 137 -15.24 -5.01 -23.24
C LYS A 137 -13.91 -5.09 -22.46
N ALA A 138 -13.05 -4.09 -22.71
CA ALA A 138 -11.72 -3.97 -22.06
C ALA A 138 -11.92 -4.03 -20.60
N THR A 139 -12.91 -3.28 -20.10
CA THR A 139 -13.20 -3.20 -18.67
C THR A 139 -13.61 -4.55 -18.12
N VAL A 140 -14.45 -5.23 -18.87
CA VAL A 140 -14.81 -6.62 -18.59
C VAL A 140 -13.58 -7.53 -18.54
N ASP A 141 -12.71 -7.41 -19.51
CA ASP A 141 -11.51 -8.29 -19.54
C ASP A 141 -10.67 -8.05 -18.28
N LEU A 142 -10.51 -6.76 -17.89
CA LEU A 142 -9.80 -6.37 -16.66
C LEU A 142 -10.32 -6.97 -15.43
N ILE A 143 -11.63 -6.87 -15.23
CA ILE A 143 -12.29 -7.44 -14.05
C ILE A 143 -11.97 -8.92 -13.92
N GLU A 144 -12.13 -9.65 -15.03
CA GLU A 144 -11.93 -11.14 -15.06
C GLU A 144 -10.50 -11.59 -14.72
N LYS A 145 -9.53 -10.70 -14.88
CA LYS A 145 -8.19 -10.97 -14.40
C LYS A 145 -8.10 -11.03 -12.94
N THR A 146 -9.08 -10.55 -12.20
CA THR A 146 -9.03 -10.75 -10.76
C THR A 146 -9.79 -12.01 -10.30
N GLN A 147 -10.39 -12.75 -11.22
CA GLN A 147 -11.24 -13.90 -10.88
C GLN A 147 -12.63 -13.49 -10.33
N ALA A 148 -12.89 -12.18 -10.11
CA ALA A 148 -14.25 -11.76 -9.76
C ALA A 148 -15.11 -12.04 -11.00
N LYS A 149 -16.43 -11.97 -10.94
CA LYS A 149 -17.24 -12.11 -12.15
C LYS A 149 -18.05 -10.81 -12.39
N VAL A 150 -18.38 -10.56 -13.66
CA VAL A 150 -19.18 -9.45 -14.01
C VAL A 150 -20.62 -9.81 -13.79
N ALA A 151 -21.30 -9.07 -12.91
CA ALA A 151 -22.76 -9.20 -12.80
C ALA A 151 -23.52 -8.51 -13.92
N GLY A 152 -22.97 -7.51 -14.55
CA GLY A 152 -23.63 -6.86 -15.69
C GLY A 152 -23.07 -5.49 -15.90
N LEU A 153 -23.69 -4.75 -16.81
CA LEU A 153 -23.20 -3.48 -17.22
C LEU A 153 -24.43 -2.64 -17.46
N ILE A 154 -24.34 -1.40 -17.04
CA ILE A 154 -25.42 -0.47 -17.23
C ILE A 154 -24.91 0.92 -17.65
N PHE A 155 -25.65 1.53 -18.56
CA PHE A 155 -25.33 2.76 -19.19
C PHE A 155 -26.47 3.73 -19.13
N VAL A 156 -26.18 5.03 -18.99
CA VAL A 156 -27.19 6.01 -19.12
C VAL A 156 -27.73 5.94 -20.53
N MET A 157 -26.85 5.86 -21.50
CA MET A 157 -27.26 5.93 -22.91
C MET A 157 -26.64 4.84 -23.78
N GLU A 158 -27.34 4.53 -24.85
CA GLU A 158 -26.93 3.55 -25.82
C GLU A 158 -27.15 4.18 -27.21
N LEU A 159 -26.17 4.08 -28.07
CA LEU A 159 -26.38 4.47 -29.46
C LEU A 159 -26.84 3.25 -30.28
N ASP A 160 -28.07 3.29 -30.80
CA ASP A 160 -28.61 2.23 -31.71
C ASP A 160 -27.61 1.66 -32.76
N GLY A 161 -27.51 0.32 -32.79
CA GLY A 161 -26.93 -0.47 -33.90
C GLY A 161 -25.48 -0.19 -34.27
N LEU A 162 -24.71 0.36 -33.31
CA LEU A 162 -23.27 0.60 -33.44
C LEU A 162 -22.46 -0.58 -32.91
N GLY A 163 -23.15 -1.66 -32.53
CA GLY A 163 -22.50 -2.94 -32.26
C GLY A 163 -22.17 -3.29 -30.82
N GLY A 164 -22.46 -2.39 -29.88
CA GLY A 164 -21.99 -2.56 -28.50
C GLY A 164 -22.55 -3.75 -27.71
N ARG A 165 -23.86 -3.90 -27.81
CA ARG A 165 -24.58 -4.97 -27.12
C ARG A 165 -24.13 -6.29 -27.72
N GLU A 166 -23.81 -6.28 -29.01
CA GLU A 166 -23.42 -7.49 -29.70
C GLU A 166 -22.03 -7.87 -29.19
N VAL A 167 -21.07 -6.90 -29.11
CA VAL A 167 -19.76 -7.22 -28.46
C VAL A 167 -19.87 -7.68 -26.99
N LEU A 168 -20.92 -7.25 -26.25
CA LEU A 168 -21.05 -7.62 -24.88
C LEU A 168 -22.02 -8.79 -24.66
N ALA A 169 -22.29 -9.52 -25.73
CA ALA A 169 -23.16 -10.65 -25.66
C ALA A 169 -22.53 -11.67 -24.75
N GLY A 170 -23.32 -12.19 -23.85
CA GLY A 170 -22.84 -13.01 -22.76
C GLY A 170 -22.80 -12.28 -21.43
N TYR A 171 -23.00 -10.95 -21.42
CA TYR A 171 -23.05 -10.18 -20.19
C TYR A 171 -24.40 -9.50 -20.19
N ASN A 172 -24.96 -9.31 -19.01
CA ASN A 172 -26.26 -8.61 -18.96
C ASN A 172 -26.05 -7.06 -19.16
N VAL A 173 -26.76 -6.48 -20.13
CA VAL A 173 -26.54 -5.10 -20.57
C VAL A 173 -27.83 -4.31 -20.47
N SER A 174 -27.75 -3.15 -19.82
CA SER A 174 -28.89 -2.29 -19.67
C SER A 174 -28.46 -0.87 -20.04
N ALA A 175 -29.40 -0.15 -20.63
CA ALA A 175 -29.25 1.22 -20.95
C ALA A 175 -30.55 1.89 -20.71
N LEU A 176 -30.58 3.04 -20.06
CA LEU A 176 -31.81 3.81 -19.88
C LEU A 176 -32.37 4.51 -21.13
N ILE A 177 -31.53 5.10 -21.97
CA ILE A 177 -31.94 5.85 -23.14
C ILE A 177 -31.20 5.37 -24.46
N LYS A 178 -31.99 5.08 -25.48
CA LYS A 178 -31.44 4.81 -26.81
C LYS A 178 -31.52 6.06 -27.64
N PHE A 179 -30.46 6.36 -28.39
CA PHE A 179 -30.43 7.50 -29.30
C PHE A 179 -30.19 6.97 -30.72
N ASP B 1 17.23 20.68 11.13
CA ASP B 1 16.68 19.80 10.05
C ASP B 1 17.72 18.78 9.52
N ASP B 2 18.53 18.20 10.43
CA ASP B 2 19.55 17.19 10.07
C ASP B 2 19.30 15.80 10.69
N ASP B 3 19.08 15.78 12.01
CA ASP B 3 18.51 14.61 12.68
C ASP B 3 17.10 14.34 12.12
N LYS B 4 16.31 15.41 12.00
CA LYS B 4 14.94 15.37 11.43
C LYS B 4 14.87 15.15 9.89
N MET B 5 15.95 15.38 9.12
CA MET B 5 16.00 14.97 7.68
C MET B 5 16.20 13.44 7.49
N ASN B 6 17.06 12.82 8.30
CA ASN B 6 17.13 11.35 8.36
C ASN B 6 15.80 10.76 8.87
N LEU B 7 15.25 11.31 9.94
CA LEU B 7 14.01 10.81 10.51
C LEU B 7 12.84 11.00 9.58
N ASP B 8 12.81 12.12 8.84
CA ASP B 8 11.83 12.27 7.74
C ASP B 8 12.03 11.21 6.66
N PHE B 9 13.26 10.91 6.30
CA PHE B 9 13.56 9.82 5.30
C PHE B 9 13.01 8.40 5.67
N ILE B 10 13.14 8.03 6.94
CA ILE B 10 12.67 6.73 7.46
C ILE B 10 11.15 6.74 7.31
N LYS B 11 10.49 7.79 7.83
CA LYS B 11 9.01 7.91 7.77
C LYS B 11 8.50 7.78 6.34
N SER B 12 9.30 8.30 5.40
CA SER B 12 8.87 8.40 4.00
C SER B 12 8.82 7.07 3.35
N LYS B 13 9.59 6.10 3.90
CA LYS B 13 9.65 4.76 3.29
C LYS B 13 8.84 3.70 4.02
N ILE B 14 7.94 4.07 4.89
CA ILE B 14 7.03 3.09 5.50
C ILE B 14 5.63 3.25 4.96
N ALA B 15 5.18 2.24 4.24
CA ALA B 15 3.82 2.17 3.72
C ALA B 15 2.82 1.94 4.88
N ALA B 16 1.64 2.58 4.73
CA ALA B 16 0.45 2.27 5.49
C ALA B 16 -0.41 1.45 4.58
N VAL B 17 -0.80 0.27 5.05
CA VAL B 17 -1.58 -0.69 4.29
C VAL B 17 -2.85 -0.94 5.10
N PRO B 18 -4.00 -0.46 4.59
CA PRO B 18 -5.27 -0.69 5.27
C PRO B 18 -5.68 -2.17 5.32
N ASP B 19 -6.26 -2.60 6.45
CA ASP B 19 -7.00 -3.88 6.53
C ASP B 19 -6.06 -5.07 6.23
N PHE B 20 -4.94 -5.08 6.96
CA PHE B 20 -4.01 -6.20 6.91
C PHE B 20 -3.40 -6.35 8.28
N PRO B 21 -3.35 -7.59 8.83
CA PRO B 21 -3.84 -8.82 8.17
C PRO B 21 -5.35 -8.98 8.13
N LYS B 22 -6.09 -8.22 8.95
CA LYS B 22 -7.55 -8.34 9.10
C LYS B 22 -8.23 -6.94 9.09
N PRO B 23 -9.51 -6.85 8.61
CA PRO B 23 -10.32 -5.62 8.72
C PRO B 23 -10.08 -4.66 9.91
N GLY B 24 -9.85 -3.38 9.59
CA GLY B 24 -9.77 -2.33 10.59
C GLY B 24 -8.40 -1.99 11.07
N ILE B 25 -7.42 -2.82 10.73
CA ILE B 25 -6.06 -2.66 11.24
C ILE B 25 -5.24 -2.04 10.13
N MET B 26 -4.67 -0.88 10.39
CA MET B 26 -3.62 -0.35 9.54
C MET B 26 -2.32 -1.09 9.85
N PHE B 27 -1.71 -1.64 8.81
CA PHE B 27 -0.40 -2.28 8.91
C PHE B 27 0.66 -1.31 8.50
N ARG B 28 1.78 -1.30 9.19
CA ARG B 28 2.93 -0.48 8.82
C ARG B 28 3.94 -1.40 8.18
N ASP B 29 4.23 -1.16 6.92
CA ASP B 29 4.95 -2.06 6.12
C ASP B 29 6.31 -1.46 5.84
N ILE B 30 7.35 -2.08 6.38
CA ILE B 30 8.70 -1.54 6.29
C ILE B 30 9.49 -2.00 5.08
N THR B 31 8.90 -2.77 4.19
CA THR B 31 9.66 -3.30 3.09
C THR B 31 10.33 -2.29 2.19
N PRO B 32 9.72 -1.10 1.95
CA PRO B 32 10.43 -0.16 0.99
C PRO B 32 11.59 0.57 1.71
N LEU B 33 11.46 0.79 2.98
CA LEU B 33 12.62 1.04 3.83
C LEU B 33 13.67 -0.09 3.73
N LEU B 34 13.33 -1.34 3.90
CA LEU B 34 14.38 -2.37 3.73
C LEU B 34 15.11 -2.36 2.38
N ALA B 35 14.38 -2.08 1.31
CA ALA B 35 14.94 -2.26 -0.04
C ALA B 35 15.81 -1.09 -0.50
N ASP B 36 15.70 0.04 0.17
CA ASP B 36 16.51 1.21 -0.16
C ASP B 36 17.94 0.96 0.39
N PRO B 37 19.00 1.06 -0.48
CA PRO B 37 20.39 0.97 -0.06
C PRO B 37 20.73 1.58 1.31
N GLN B 38 20.04 2.61 1.73
CA GLN B 38 20.42 3.31 2.94
C GLN B 38 19.41 3.19 4.06
N GLY B 39 18.34 2.43 3.86
CA GLY B 39 17.24 2.46 4.81
C GLY B 39 17.53 1.81 6.16
N LEU B 40 18.25 0.72 6.12
CA LEU B 40 18.62 0.01 7.34
C LEU B 40 19.72 0.75 8.06
N ARG B 41 20.72 1.20 7.31
CA ARG B 41 21.79 1.98 7.92
C ARG B 41 21.24 3.22 8.61
N LYS B 42 20.42 4.01 7.94
CA LYS B 42 19.99 5.27 8.52
C LYS B 42 19.01 5.06 9.67
N THR B 43 18.30 3.92 9.65
CA THR B 43 17.48 3.50 10.79
C THR B 43 18.33 3.06 12.02
N ALA B 44 19.31 2.19 11.79
CA ALA B 44 20.26 1.78 12.81
C ALA B 44 20.91 3.02 13.50
N GLU B 45 21.50 3.91 12.70
CA GLU B 45 22.10 5.18 13.21
C GLU B 45 21.15 6.08 13.98
N ALA B 46 19.90 6.15 13.56
CA ALA B 46 18.95 6.99 14.30
C ALA B 46 18.62 6.39 15.66
N MET B 47 18.65 5.03 15.72
CA MET B 47 18.34 4.35 16.98
C MET B 47 19.43 4.66 17.96
N ALA B 48 20.68 4.51 17.46
CA ALA B 48 21.92 4.62 18.22
C ALA B 48 22.01 5.99 18.83
N GLN B 49 21.55 6.99 18.07
CA GLN B 49 21.51 8.35 18.50
C GLN B 49 20.49 8.61 19.58
N GLU B 50 19.27 8.10 19.39
CA GLU B 50 18.29 8.10 20.49
C GLU B 50 18.86 7.39 21.78
N LEU B 51 19.69 6.36 21.59
CA LEU B 51 20.41 5.73 22.70
C LEU B 51 21.55 6.57 23.28
N LYS B 52 22.29 7.30 22.45
CA LYS B 52 23.39 8.07 22.99
C LYS B 52 22.77 9.33 23.73
N ASN B 53 21.72 9.92 23.19
CA ASN B 53 21.02 11.00 23.90
C ASN B 53 20.39 10.59 25.26
N LYS B 54 19.89 9.34 25.33
CA LYS B 54 19.27 8.81 26.56
C LYS B 54 20.21 8.09 27.55
N GLY B 55 21.52 8.06 27.28
CA GLY B 55 22.47 7.40 28.18
C GLY B 55 22.43 5.85 28.28
N ILE B 56 21.79 5.20 27.29
CA ILE B 56 21.72 3.74 27.18
C ILE B 56 22.97 3.26 26.41
N GLN B 57 23.77 2.47 27.13
CA GLN B 57 25.04 1.96 26.68
C GLN B 57 24.94 0.43 26.78
N PRO B 58 24.44 -0.22 25.74
CA PRO B 58 24.23 -1.70 25.84
C PRO B 58 25.43 -2.49 25.49
N THR B 59 25.50 -3.71 25.94
CA THR B 59 26.60 -4.58 25.60
C THR B 59 26.20 -5.66 24.62
N ILE B 60 24.89 -5.89 24.44
CA ILE B 60 24.44 -6.90 23.44
C ILE B 60 23.00 -6.54 23.01
N VAL B 61 22.65 -7.00 21.83
CA VAL B 61 21.30 -6.76 21.24
C VAL B 61 20.48 -8.04 21.20
N ALA B 62 19.21 -7.92 21.48
CA ALA B 62 18.34 -9.02 21.27
C ALA B 62 17.11 -8.52 20.53
N GLY B 63 16.62 -9.33 19.60
CA GLY B 63 15.37 -9.04 18.87
C GLY B 63 14.49 -10.27 18.60
N THR B 64 13.17 -10.04 18.51
CA THR B 64 12.23 -11.08 18.18
C THR B 64 12.19 -11.44 16.70
N GLU B 65 11.83 -12.67 16.43
CA GLU B 65 11.52 -13.10 15.06
C GLU B 65 10.40 -12.24 14.53
N SER B 66 10.41 -11.89 13.26
CA SER B 66 11.60 -11.81 12.39
C SER B 66 12.05 -10.38 12.15
N ARG B 67 11.16 -9.44 12.41
CA ARG B 67 11.45 -8.07 12.09
C ARG B 67 12.35 -7.52 13.18
N GLY B 68 12.27 -8.08 14.38
CA GLY B 68 13.29 -7.79 15.38
C GLY B 68 14.70 -8.18 14.94
N PHE B 69 14.85 -9.31 14.25
CA PHE B 69 16.13 -9.75 13.80
C PHE B 69 16.66 -8.75 12.75
N ILE B 70 15.82 -8.30 11.87
CA ILE B 70 16.28 -7.39 10.81
C ILE B 70 16.85 -6.10 11.43
N PHE B 71 16.09 -5.42 12.25
CA PHE B 71 16.57 -4.15 12.82
C PHE B 71 17.58 -4.37 13.93
N GLY B 72 17.45 -5.47 14.64
CA GLY B 72 18.38 -5.87 15.68
C GLY B 72 19.76 -6.12 15.10
N VAL B 73 19.84 -6.90 14.03
CA VAL B 73 21.12 -7.14 13.42
C VAL B 73 21.70 -5.83 12.92
N ALA B 74 20.91 -4.99 12.23
CA ALA B 74 21.45 -3.77 11.69
C ALA B 74 22.10 -2.88 12.77
N LEU B 75 21.43 -2.73 13.89
CA LEU B 75 21.89 -1.88 14.97
C LEU B 75 23.10 -2.53 15.70
N ALA B 76 23.04 -3.83 15.91
CA ALA B 76 24.19 -4.55 16.43
C ALA B 76 25.43 -4.32 15.58
N GLU B 77 25.31 -4.34 14.25
CA GLU B 77 26.46 -3.98 13.45
C GLU B 77 26.91 -2.56 13.82
N VAL B 78 26.00 -1.60 13.82
CA VAL B 78 26.38 -0.22 14.06
C VAL B 78 27.15 -0.07 15.39
N LEU B 79 26.70 -0.73 16.46
CA LEU B 79 27.27 -0.55 17.75
C LEU B 79 28.50 -1.40 18.01
N GLY B 80 28.86 -2.33 17.13
CA GLY B 80 29.96 -3.26 17.40
C GLY B 80 29.66 -4.41 18.37
N LEU B 81 28.37 -4.67 18.58
CA LEU B 81 27.89 -5.67 19.57
C LEU B 81 27.36 -6.93 18.89
N GLY B 82 27.42 -8.02 19.59
CA GLY B 82 26.72 -9.22 19.20
C GLY B 82 25.19 -9.18 19.24
N PHE B 83 24.59 -10.30 18.79
CA PHE B 83 23.12 -10.44 18.61
C PHE B 83 22.61 -11.76 19.18
N VAL B 84 21.50 -11.64 19.92
CA VAL B 84 20.77 -12.74 20.42
C VAL B 84 19.27 -12.75 19.93
N PRO B 85 18.91 -13.83 19.25
CA PRO B 85 17.57 -14.01 18.73
C PRO B 85 16.64 -14.54 19.86
N VAL B 86 15.46 -13.95 19.95
CA VAL B 86 14.39 -14.39 20.78
C VAL B 86 13.39 -15.01 19.82
N ARG B 87 13.13 -16.30 19.99
CA ARG B 87 12.39 -17.09 18.99
C ARG B 87 11.07 -17.76 19.44
N LYS B 88 10.33 -18.18 18.43
CA LYS B 88 9.09 -18.93 18.59
C LYS B 88 9.42 -20.30 19.01
N PRO B 89 8.50 -20.98 19.74
CA PRO B 89 8.85 -22.29 20.25
C PRO B 89 9.37 -23.32 19.22
N GLY B 90 10.31 -24.14 19.70
CA GLY B 90 10.89 -25.23 18.92
C GLY B 90 11.93 -24.91 17.87
N LYS B 91 12.41 -23.68 17.83
CA LYS B 91 13.43 -23.26 16.84
C LYS B 91 14.82 -23.35 17.45
N LEU B 92 14.94 -22.98 18.72
CA LEU B 92 16.20 -22.96 19.35
C LEU B 92 16.59 -24.36 19.73
N PRO B 93 17.81 -24.76 19.40
CA PRO B 93 18.16 -26.18 19.53
C PRO B 93 18.62 -26.64 20.87
N ARG B 94 18.92 -25.74 21.80
CA ARG B 94 19.60 -26.10 23.09
C ARG B 94 18.73 -25.67 24.27
N ALA B 95 19.19 -25.84 25.50
CA ALA B 95 18.25 -25.49 26.62
C ALA B 95 17.86 -24.00 26.54
N THR B 96 16.60 -23.80 26.83
CA THR B 96 15.94 -22.53 26.76
C THR B 96 15.17 -22.17 28.03
N TYR B 97 14.95 -20.87 28.20
CA TYR B 97 13.89 -20.31 28.98
C TYR B 97 12.68 -20.06 28.03
N SER B 98 11.47 -20.20 28.57
CA SER B 98 10.20 -20.03 27.81
C SER B 98 9.23 -19.26 28.64
N VAL B 99 8.55 -18.32 28.00
CA VAL B 99 7.61 -17.43 28.62
C VAL B 99 6.34 -17.36 27.82
N LYS B 100 5.19 -17.46 28.48
CA LYS B 100 3.89 -17.38 27.79
C LYS B 100 3.44 -15.91 27.86
N TYR B 101 2.84 -15.37 26.79
CA TYR B 101 2.34 -13.97 26.81
C TYR B 101 0.96 -13.86 26.11
N ASP B 102 0.23 -12.78 26.38
CA ASP B 102 -1.07 -12.53 25.75
C ASP B 102 -1.00 -11.66 24.52
N LEU B 103 -1.31 -12.26 23.38
CA LEU B 103 -1.65 -11.58 22.14
C LEU B 103 -2.96 -10.75 22.36
N GLU B 104 -3.56 -10.23 21.29
CA GLU B 104 -4.95 -9.66 21.38
C GLU B 104 -5.90 -10.82 21.76
N TYR B 105 -5.87 -11.88 20.94
CA TYR B 105 -6.60 -13.15 21.13
C TYR B 105 -5.62 -14.29 21.36
N GLY B 106 -5.78 -15.00 22.46
CA GLY B 106 -5.00 -16.21 22.70
C GLY B 106 -3.67 -15.93 23.38
N SER B 107 -2.74 -16.84 23.17
CA SER B 107 -1.41 -16.80 23.80
C SER B 107 -0.41 -17.65 23.00
N ASP B 108 0.82 -17.14 22.87
CA ASP B 108 1.95 -17.92 22.36
C ASP B 108 3.07 -17.79 23.42
N SER B 109 4.29 -18.16 23.04
CA SER B 109 5.43 -18.24 23.91
C SER B 109 6.63 -17.72 23.10
N LEU B 110 7.62 -17.15 23.79
CA LEU B 110 8.96 -16.87 23.23
C LEU B 110 10.01 -17.55 24.13
N GLU B 111 11.18 -17.81 23.56
CA GLU B 111 12.27 -18.61 24.13
C GLU B 111 13.55 -17.88 23.84
N ILE B 112 14.54 -18.05 24.72
CA ILE B 112 15.94 -17.77 24.40
C ILE B 112 16.66 -18.88 25.01
N HIS B 113 17.83 -19.06 24.49
CA HIS B 113 18.84 -19.96 25.09
C HIS B 113 19.21 -19.58 26.52
N GLN B 114 19.32 -20.57 27.38
CA GLN B 114 19.65 -20.27 28.80
C GLN B 114 21.06 -19.61 28.97
N ASP B 115 21.98 -19.90 28.08
CA ASP B 115 23.35 -19.41 28.13
C ASP B 115 23.48 -18.17 27.19
N ALA B 116 22.40 -17.46 26.90
CA ALA B 116 22.50 -16.41 25.87
C ALA B 116 23.25 -15.15 26.28
N PHE B 117 23.32 -14.92 27.58
CA PHE B 117 23.91 -13.65 28.07
C PHE B 117 24.96 -13.94 29.11
N LYS B 118 25.94 -13.04 29.16
CA LYS B 118 26.93 -12.96 30.23
C LYS B 118 26.36 -12.21 31.43
N VAL B 119 26.89 -12.48 32.60
CA VAL B 119 26.49 -11.80 33.80
C VAL B 119 26.67 -10.26 33.75
N THR B 120 27.59 -9.82 32.89
CA THR B 120 27.89 -8.40 32.66
C THR B 120 27.05 -7.75 31.61
N ASP B 121 26.27 -8.52 30.87
CA ASP B 121 25.40 -7.97 29.84
C ASP B 121 24.29 -7.05 30.27
N GLU B 122 24.22 -5.92 29.56
CA GLU B 122 23.12 -5.01 29.58
C GLU B 122 22.47 -5.07 28.17
N VAL B 123 21.30 -5.69 28.14
CA VAL B 123 20.68 -6.12 26.90
C VAL B 123 19.68 -5.08 26.41
N LEU B 124 19.89 -4.66 25.17
CA LEU B 124 18.98 -3.80 24.47
C LEU B 124 18.03 -4.65 23.65
N VAL B 125 16.74 -4.53 23.92
CA VAL B 125 15.74 -5.16 23.14
C VAL B 125 15.40 -4.29 21.95
N VAL B 126 15.31 -4.90 20.78
CA VAL B 126 14.93 -4.15 19.56
C VAL B 126 13.80 -4.84 18.79
N ASP B 127 12.87 -4.02 18.28
CA ASP B 127 11.80 -4.52 17.44
C ASP B 127 11.28 -3.44 16.49
N ASP B 128 10.42 -3.87 15.58
CA ASP B 128 9.75 -2.95 14.68
C ASP B 128 8.75 -2.01 15.31
N LEU B 129 7.96 -2.50 16.27
CA LEU B 129 6.74 -1.82 16.66
C LEU B 129 6.32 -2.08 18.07
N LEU B 130 6.06 -1.04 18.82
CA LEU B 130 5.43 -1.20 20.10
C LEU B 130 3.93 -0.89 19.98
N ALA B 131 3.13 -1.90 20.28
CA ALA B 131 1.69 -1.78 20.32
C ALA B 131 1.26 -1.95 21.80
N THR B 132 0.92 -3.19 22.18
CA THR B 132 0.42 -3.48 23.51
C THR B 132 1.53 -3.73 24.50
N GLY B 133 2.72 -4.10 23.98
CA GLY B 133 3.88 -4.41 24.82
C GLY B 133 4.02 -5.87 25.26
N GLY B 134 3.11 -6.76 24.83
CA GLY B 134 3.09 -8.18 25.21
C GLY B 134 4.37 -8.94 24.88
N THR B 135 4.78 -8.88 23.59
CA THR B 135 6.03 -9.54 23.18
C THR B 135 7.27 -8.90 23.85
N ALA B 136 7.29 -7.56 23.98
CA ALA B 136 8.37 -6.83 24.67
C ALA B 136 8.54 -7.24 26.12
N LYS B 137 7.44 -7.24 26.84
CA LYS B 137 7.42 -7.59 28.27
C LYS B 137 7.85 -9.06 28.45
N ALA B 138 7.32 -9.94 27.59
CA ALA B 138 7.82 -11.35 27.57
C ALA B 138 9.35 -11.46 27.31
N THR B 139 9.88 -10.58 26.45
CA THR B 139 11.30 -10.58 26.14
C THR B 139 12.03 -10.11 27.37
N VAL B 140 11.43 -9.12 28.05
CA VAL B 140 12.03 -8.65 29.27
C VAL B 140 12.12 -9.78 30.29
N ASP B 141 11.01 -10.46 30.57
CA ASP B 141 10.98 -11.62 31.51
C ASP B 141 11.99 -12.66 31.04
N LEU B 142 12.06 -12.87 29.72
CA LEU B 142 13.05 -13.85 29.26
C LEU B 142 14.49 -13.47 29.77
N ILE B 143 14.85 -12.20 29.69
CA ILE B 143 16.21 -11.79 29.97
C ILE B 143 16.50 -11.94 31.47
N GLU B 144 15.50 -11.61 32.25
CA GLU B 144 15.62 -11.59 33.70
C GLU B 144 15.66 -13.03 34.27
N LYS B 145 15.28 -14.03 33.48
CA LYS B 145 15.65 -15.44 33.76
C LYS B 145 17.17 -15.75 33.72
N THR B 146 17.95 -14.97 32.99
CA THR B 146 19.42 -15.15 33.00
C THR B 146 19.99 -14.29 34.17
N GLN B 147 21.33 -14.22 34.21
CA GLN B 147 22.06 -13.31 35.18
C GLN B 147 22.25 -11.87 34.65
N ALA B 148 21.71 -11.57 33.45
CA ALA B 148 21.98 -10.31 32.77
C ALA B 148 20.89 -9.36 33.11
N LYS B 149 21.03 -8.12 32.66
CA LYS B 149 20.10 -7.04 32.97
C LYS B 149 19.55 -6.45 31.64
N VAL B 150 18.35 -5.84 31.67
CA VAL B 150 17.78 -5.07 30.53
C VAL B 150 18.23 -3.62 30.60
N ALA B 151 18.92 -3.16 29.55
CA ALA B 151 19.35 -1.75 29.46
C ALA B 151 18.17 -1.00 29.01
N GLY B 152 17.48 -1.55 28.04
CA GLY B 152 16.25 -0.86 27.61
C GLY B 152 15.68 -1.52 26.39
N LEU B 153 14.68 -0.84 25.82
CA LEU B 153 14.07 -1.27 24.62
C LEU B 153 13.98 -0.14 23.61
N ILE B 154 14.21 -0.45 22.33
CA ILE B 154 14.05 0.55 21.25
C ILE B 154 13.29 0.03 20.06
N PHE B 155 12.27 0.76 19.59
CA PHE B 155 11.42 0.32 18.49
C PHE B 155 11.43 1.36 17.38
N VAL B 156 11.09 0.93 16.16
CA VAL B 156 11.01 1.83 15.02
C VAL B 156 9.74 2.72 15.26
N MET B 157 8.63 2.05 15.59
CA MET B 157 7.31 2.65 15.72
C MET B 157 6.67 2.34 17.07
N GLU B 158 5.90 3.30 17.55
CA GLU B 158 5.00 3.09 18.67
C GLU B 158 3.56 3.48 18.19
N LEU B 159 2.56 2.65 18.51
CA LEU B 159 1.14 3.02 18.30
C LEU B 159 0.57 3.57 19.63
N ASP B 160 0.45 4.91 19.73
CA ASP B 160 -0.03 5.60 20.95
C ASP B 160 -1.26 5.00 21.67
N GLY B 161 -1.18 5.01 23.01
CA GLY B 161 -2.29 4.62 23.88
C GLY B 161 -2.85 3.21 23.74
N LEU B 162 -2.08 2.27 23.18
CA LEU B 162 -2.45 0.85 23.22
C LEU B 162 -1.87 0.16 24.48
N GLY B 163 -1.26 0.93 25.37
CA GLY B 163 -0.72 0.37 26.58
C GLY B 163 0.74 -0.04 26.48
N GLY B 164 1.43 0.40 25.42
CA GLY B 164 2.80 -0.01 25.16
C GLY B 164 3.78 0.27 26.27
N ARG B 165 4.07 1.56 26.46
CA ARG B 165 5.08 2.03 27.43
C ARG B 165 4.84 1.59 28.87
N GLU B 166 3.56 1.50 29.23
CA GLU B 166 3.10 1.42 30.59
C GLU B 166 3.20 -0.01 31.09
N VAL B 167 2.88 -0.96 30.20
CA VAL B 167 3.16 -2.39 30.44
C VAL B 167 4.66 -2.51 30.75
N LEU B 168 5.44 -1.66 30.07
CA LEU B 168 6.88 -1.56 30.26
C LEU B 168 7.31 -0.49 31.28
N ALA B 169 6.45 -0.21 32.26
CA ALA B 169 6.83 0.57 33.46
C ALA B 169 8.12 0.04 34.02
N GLY B 170 9.05 0.95 34.32
CA GLY B 170 10.32 0.58 34.99
C GLY B 170 11.44 0.15 34.04
N TYR B 171 11.23 0.27 32.72
CA TYR B 171 12.26 0.01 31.70
C TYR B 171 12.43 1.26 30.85
N ASN B 172 13.65 1.58 30.44
CA ASN B 172 13.89 2.62 29.43
C ASN B 172 13.43 2.21 28.01
N VAL B 173 12.32 2.82 27.59
CA VAL B 173 11.62 2.51 26.32
C VAL B 173 11.77 3.68 25.35
N SER B 174 12.33 3.48 24.16
CA SER B 174 12.32 4.49 23.09
C SER B 174 11.66 3.96 21.80
N ALA B 175 11.38 4.88 20.90
CA ALA B 175 10.63 4.62 19.68
C ALA B 175 10.93 5.77 18.74
N LEU B 176 11.48 5.48 17.57
CA LEU B 176 11.76 6.52 16.59
C LEU B 176 10.52 7.31 16.18
N ILE B 177 9.42 6.60 15.94
CA ILE B 177 8.25 7.16 15.28
C ILE B 177 6.99 6.80 16.04
N LYS B 178 6.10 7.79 16.12
CA LYS B 178 4.89 7.72 16.92
C LYS B 178 3.70 7.89 15.96
N PHE B 179 2.76 6.96 16.02
CA PHE B 179 1.55 7.03 15.20
C PHE B 179 0.40 7.17 16.21
N ASP C 2 -19.25 9.01 18.52
CA ASP C 2 -20.36 9.26 17.56
C ASP C 2 -19.76 9.67 16.20
N ASP C 3 -19.02 10.78 16.20
CA ASP C 3 -18.46 11.42 14.99
C ASP C 3 -16.91 11.38 14.82
N LYS C 4 -16.15 11.23 15.92
CA LYS C 4 -14.70 10.94 15.86
C LYS C 4 -14.42 9.44 15.56
N MET C 5 -15.39 8.53 15.85
CA MET C 5 -15.41 7.14 15.29
C MET C 5 -15.35 7.14 13.72
N ASN C 6 -16.12 8.04 13.10
CA ASN C 6 -16.27 8.16 11.64
C ASN C 6 -14.97 8.64 11.03
N LEU C 7 -14.34 9.65 11.63
CA LEU C 7 -13.00 10.09 11.26
C LEU C 7 -11.91 9.00 11.35
N ASP C 8 -11.94 8.21 12.43
CA ASP C 8 -11.04 7.04 12.55
C ASP C 8 -11.27 6.02 11.44
N PHE C 9 -12.52 5.68 11.17
CA PHE C 9 -12.81 4.73 10.07
C PHE C 9 -12.24 5.26 8.71
N ILE C 10 -12.45 6.53 8.43
CA ILE C 10 -11.97 7.10 7.16
C ILE C 10 -10.45 7.01 7.08
N LYS C 11 -9.73 7.51 8.07
CA LYS C 11 -8.29 7.35 8.15
C LYS C 11 -7.83 5.95 7.97
N SER C 12 -8.48 5.02 8.58
CA SER C 12 -8.01 3.64 8.50
C SER C 12 -8.05 3.10 7.06
N LYS C 13 -8.67 3.81 6.08
CA LYS C 13 -8.85 3.25 4.77
C LYS C 13 -8.07 3.94 3.74
N ILE C 14 -7.14 4.79 4.14
CA ILE C 14 -6.33 5.51 3.18
C ILE C 14 -4.90 5.01 3.18
N ALA C 15 -4.46 4.45 2.05
CA ALA C 15 -3.16 3.88 1.99
C ALA C 15 -2.12 4.98 1.90
N ALA C 16 -0.96 4.70 2.46
CA ALA C 16 0.16 5.60 2.30
C ALA C 16 1.17 4.85 1.44
N VAL C 17 1.60 5.43 0.29
CA VAL C 17 2.35 4.68 -0.71
C VAL C 17 3.61 5.42 -1.05
N PRO C 18 4.78 4.83 -0.69
CA PRO C 18 6.06 5.52 -0.89
C PRO C 18 6.47 5.70 -2.34
N ASP C 19 7.09 6.84 -2.64
CA ASP C 19 7.72 7.04 -3.95
C ASP C 19 6.68 6.87 -5.10
N PHE C 20 5.52 7.53 -4.96
CA PHE C 20 4.52 7.53 -6.05
C PHE C 20 3.98 8.96 -6.14
N PRO C 21 3.92 9.54 -7.36
CA PRO C 21 4.32 8.92 -8.65
C PRO C 21 5.85 8.85 -8.93
N LYS C 22 6.65 9.57 -8.16
CA LYS C 22 8.10 9.58 -8.34
C LYS C 22 8.80 9.58 -6.97
N PRO C 23 10.08 9.13 -6.95
CA PRO C 23 10.76 9.03 -5.66
C PRO C 23 10.68 10.33 -4.83
N GLY C 24 10.55 10.17 -3.52
CA GLY C 24 10.57 11.31 -2.60
C GLY C 24 9.22 11.68 -2.01
N ILE C 25 8.14 11.32 -2.68
CA ILE C 25 6.79 11.80 -2.31
C ILE C 25 5.90 10.62 -1.90
N MET C 26 5.07 10.87 -0.90
CA MET C 26 4.22 9.88 -0.25
C MET C 26 2.79 10.10 -0.75
N PHE C 27 2.32 9.12 -1.49
CA PHE C 27 1.01 9.23 -2.13
C PHE C 27 -0.08 8.68 -1.22
N ARG C 28 -1.15 9.43 -1.05
CA ARG C 28 -2.31 8.99 -0.29
C ARG C 28 -3.32 8.40 -1.24
N ASP C 29 -3.78 7.19 -0.94
CA ASP C 29 -4.51 6.35 -1.84
C ASP C 29 -5.82 6.06 -1.17
N ILE C 30 -6.86 6.64 -1.75
CA ILE C 30 -8.25 6.52 -1.31
C ILE C 30 -8.97 5.31 -1.85
N THR C 31 -8.34 4.47 -2.69
CA THR C 31 -9.05 3.32 -3.19
C THR C 31 -9.60 2.30 -2.21
N PRO C 32 -8.92 1.99 -1.07
CA PRO C 32 -9.64 1.13 -0.09
C PRO C 32 -10.77 1.85 0.55
N LEU C 33 -10.67 3.12 0.71
CA LEU C 33 -11.83 3.88 1.19
C LEU C 33 -13.04 3.74 0.23
N LEU C 34 -12.84 3.98 -1.06
CA LEU C 34 -13.92 3.85 -2.06
C LEU C 34 -14.55 2.49 -2.16
N ALA C 35 -13.69 1.47 -2.10
CA ALA C 35 -14.09 0.05 -2.21
C ALA C 35 -14.97 -0.32 -1.08
N ASP C 36 -14.75 0.26 0.09
CA ASP C 36 -15.52 -0.13 1.26
C ASP C 36 -16.98 0.32 1.09
N PRO C 37 -17.94 -0.56 1.32
CA PRO C 37 -19.34 -0.14 1.08
C PRO C 37 -19.81 1.09 1.83
N GLN C 38 -19.13 1.45 2.88
CA GLN C 38 -19.51 2.60 3.66
C GLN C 38 -18.53 3.76 3.50
N GLY C 39 -17.47 3.59 2.73
CA GLY C 39 -16.44 4.64 2.61
C GLY C 39 -16.94 6.04 2.25
N LEU C 40 -17.58 6.07 1.10
CA LEU C 40 -18.11 7.25 0.53
C LEU C 40 -19.25 7.78 1.26
N ARG C 41 -20.11 6.94 1.72
CA ARG C 41 -21.20 7.38 2.58
C ARG C 41 -20.64 8.14 3.82
N LYS C 42 -19.65 7.60 4.49
CA LYS C 42 -19.13 8.23 5.70
C LYS C 42 -18.28 9.46 5.48
N THR C 43 -17.57 9.47 4.35
CA THR C 43 -16.83 10.62 3.89
C THR C 43 -17.77 11.77 3.59
N ALA C 44 -18.83 11.49 2.84
CA ALA C 44 -19.79 12.53 2.56
C ALA C 44 -20.57 12.97 3.81
N GLU C 45 -21.00 12.02 4.64
CA GLU C 45 -21.67 12.44 5.89
C GLU C 45 -20.79 13.30 6.85
N ALA C 46 -19.53 12.90 6.99
CA ALA C 46 -18.65 13.64 7.79
C ALA C 46 -18.33 15.06 7.13
N MET C 47 -18.30 15.14 5.81
CA MET C 47 -18.25 16.51 5.16
C MET C 47 -19.53 17.28 5.47
N ALA C 48 -20.69 16.64 5.34
CA ALA C 48 -21.95 17.33 5.68
C ALA C 48 -22.03 17.84 7.13
N GLN C 49 -21.50 17.03 8.04
CA GLN C 49 -21.51 17.35 9.44
C GLN C 49 -20.61 18.56 9.69
N GLU C 50 -19.41 18.56 9.08
CA GLU C 50 -18.52 19.68 9.24
C GLU C 50 -19.10 21.01 8.65
N LEU C 51 -19.74 20.93 7.49
CA LEU C 51 -20.45 22.06 6.95
C LEU C 51 -21.54 22.62 7.86
N LYS C 52 -22.33 21.73 8.41
CA LYS C 52 -23.44 22.08 9.24
C LYS C 52 -22.97 22.65 10.60
N ASN C 53 -21.86 22.13 11.14
CA ASN C 53 -21.16 22.74 12.31
C ASN C 53 -20.83 24.20 11.99
N LYS C 54 -20.47 24.46 10.72
CA LYS C 54 -20.07 25.78 10.31
C LYS C 54 -21.20 26.64 9.80
N GLY C 55 -22.43 26.16 9.74
CA GLY C 55 -23.55 26.89 9.14
C GLY C 55 -23.38 27.20 7.65
N ILE C 56 -22.48 26.49 6.96
CA ILE C 56 -22.31 26.64 5.51
C ILE C 56 -23.38 25.77 4.75
N GLN C 57 -24.19 26.41 3.94
CA GLN C 57 -25.36 25.86 3.24
C GLN C 57 -25.20 26.19 1.78
N PRO C 58 -24.43 25.45 1.04
CA PRO C 58 -24.28 25.69 -0.39
C PRO C 58 -25.48 25.47 -1.25
N THR C 59 -25.52 26.02 -2.46
CA THR C 59 -26.62 25.72 -3.39
C THR C 59 -26.21 24.69 -4.49
N ILE C 60 -24.94 24.40 -4.68
CA ILE C 60 -24.40 23.52 -5.73
C ILE C 60 -22.98 23.14 -5.38
N VAL C 61 -22.57 21.95 -5.83
CA VAL C 61 -21.25 21.39 -5.54
C VAL C 61 -20.42 21.37 -6.78
N ALA C 62 -19.13 21.74 -6.73
CA ALA C 62 -18.21 21.66 -7.90
C ALA C 62 -17.02 20.83 -7.50
N GLY C 63 -16.49 20.06 -8.42
CA GLY C 63 -15.37 19.18 -8.14
C GLY C 63 -14.56 19.00 -9.40
N THR C 64 -13.24 18.86 -9.21
CA THR C 64 -12.30 18.73 -10.28
C THR C 64 -12.12 17.27 -10.69
N GLU C 65 -11.73 17.16 -11.92
CA GLU C 65 -11.61 15.86 -12.54
C GLU C 65 -10.34 15.27 -11.89
N SER C 66 -10.29 14.03 -11.42
CA SER C 66 -11.38 13.06 -11.35
C SER C 66 -11.86 12.66 -9.92
N ARG C 67 -10.96 12.74 -8.96
CA ARG C 67 -11.27 12.42 -7.58
C ARG C 67 -12.19 13.46 -6.94
N GLY C 68 -12.20 14.66 -7.49
CA GLY C 68 -13.22 15.68 -7.06
C GLY C 68 -14.62 15.31 -7.54
N PHE C 69 -14.68 14.59 -8.64
CA PHE C 69 -15.94 14.12 -9.13
C PHE C 69 -16.45 13.14 -8.10
N ILE C 70 -15.59 12.22 -7.68
CA ILE C 70 -16.03 11.15 -6.88
C ILE C 70 -16.56 11.71 -5.51
N PHE C 71 -15.73 12.47 -4.77
CA PHE C 71 -16.18 13.01 -3.45
C PHE C 71 -17.22 14.08 -3.66
N GLY C 72 -17.15 14.81 -4.78
CA GLY C 72 -18.09 15.85 -5.00
C GLY C 72 -19.52 15.33 -5.22
N VAL C 73 -19.63 14.33 -6.08
CA VAL C 73 -20.91 13.66 -6.36
C VAL C 73 -21.46 13.02 -5.12
N ALA C 74 -20.66 12.40 -4.32
CA ALA C 74 -21.27 11.69 -3.14
C ALA C 74 -21.80 12.74 -2.18
N LEU C 75 -21.05 13.87 -2.05
CA LEU C 75 -21.49 14.89 -1.15
C LEU C 75 -22.75 15.57 -1.67
N ALA C 76 -22.81 15.82 -2.97
CA ALA C 76 -23.93 16.46 -3.57
C ALA C 76 -25.19 15.63 -3.40
N GLU C 77 -25.07 14.32 -3.51
N GLU C 77 -25.09 14.29 -3.58
CA GLU C 77 -26.18 13.38 -3.24
CA GLU C 77 -26.21 13.29 -3.28
C GLU C 77 -26.66 13.48 -1.82
C GLU C 77 -26.67 13.43 -1.83
N VAL C 78 -25.74 13.39 -0.87
CA VAL C 78 -26.09 13.62 0.50
C VAL C 78 -26.78 14.97 0.78
N LEU C 79 -26.30 16.05 0.18
CA LEU C 79 -26.87 17.36 0.51
C LEU C 79 -28.14 17.64 -0.33
N GLY C 80 -28.47 16.85 -1.36
CA GLY C 80 -29.67 17.17 -2.22
C GLY C 80 -29.38 18.28 -3.22
N LEU C 81 -28.11 18.42 -3.61
CA LEU C 81 -27.71 19.43 -4.58
C LEU C 81 -27.19 18.86 -5.88
N GLY C 82 -27.21 19.70 -6.93
CA GLY C 82 -26.61 19.35 -8.18
C GLY C 82 -25.11 19.38 -8.10
N PHE C 83 -24.46 19.11 -9.23
CA PHE C 83 -23.02 19.01 -9.33
C PHE C 83 -22.48 19.60 -10.62
N VAL C 84 -21.35 20.29 -10.56
CA VAL C 84 -20.73 20.83 -11.75
C VAL C 84 -19.30 20.27 -11.83
N PRO C 85 -18.98 19.56 -12.91
CA PRO C 85 -17.60 19.16 -13.10
C PRO C 85 -16.68 20.32 -13.59
N VAL C 86 -15.49 20.34 -13.01
CA VAL C 86 -14.50 21.32 -13.35
C VAL C 86 -13.41 20.52 -14.04
N ARG C 87 -13.25 20.72 -15.36
CA ARG C 87 -12.55 19.75 -16.20
C ARG C 87 -11.27 20.20 -16.81
N LYS C 88 -10.47 19.21 -17.19
CA LYS C 88 -9.21 19.47 -17.84
C LYS C 88 -9.55 20.08 -19.17
N PRO C 89 -8.63 20.79 -19.81
CA PRO C 89 -9.00 21.43 -21.12
C PRO C 89 -9.47 20.46 -22.29
N GLY C 90 -10.38 20.95 -23.10
CA GLY C 90 -10.89 20.19 -24.27
C GLY C 90 -11.97 19.16 -23.95
N LYS C 91 -12.41 19.02 -22.69
CA LYS C 91 -13.43 18.00 -22.43
C LYS C 91 -14.86 18.52 -22.52
N LEU C 92 -15.10 19.75 -22.13
CA LEU C 92 -16.42 20.27 -22.00
C LEU C 92 -16.85 20.72 -23.36
N PRO C 93 -18.12 20.50 -23.75
CA PRO C 93 -18.41 20.66 -25.18
C PRO C 93 -18.83 22.03 -25.66
N ARG C 94 -19.24 22.91 -24.79
CA ARG C 94 -19.83 24.21 -25.14
C ARG C 94 -18.96 25.25 -24.52
N ALA C 95 -19.36 26.50 -24.60
CA ALA C 95 -18.49 27.59 -24.29
C ALA C 95 -17.99 27.51 -22.84
N THR C 96 -16.69 27.70 -22.67
CA THR C 96 -16.06 27.63 -21.41
C THR C 96 -15.35 28.90 -21.00
N TYR C 97 -15.12 29.00 -19.66
CA TYR C 97 -14.13 29.90 -19.11
C TYR C 97 -12.97 29.01 -18.73
N SER C 98 -11.79 29.63 -18.64
CA SER C 98 -10.49 28.94 -18.41
C SER C 98 -9.63 29.66 -17.36
N VAL C 99 -8.85 28.93 -16.59
CA VAL C 99 -7.87 29.56 -15.66
C VAL C 99 -6.63 28.65 -15.71
N LYS C 100 -5.51 29.27 -16.05
CA LYS C 100 -4.16 28.66 -16.10
C LYS C 100 -3.62 28.70 -14.68
N TYR C 101 -3.16 27.59 -14.14
CA TYR C 101 -2.56 27.64 -12.81
C TYR C 101 -1.17 27.01 -12.84
N ASP C 102 -0.28 27.49 -11.98
CA ASP C 102 1.08 26.92 -11.82
C ASP C 102 1.06 25.60 -11.04
N LEU C 103 1.92 24.63 -11.42
CA LEU C 103 2.31 23.50 -10.52
C LEU C 103 3.88 23.35 -10.37
N GLU C 104 4.42 22.17 -10.03
CA GLU C 104 5.89 22.00 -9.88
C GLU C 104 6.72 22.35 -11.13
N TYR C 105 6.61 21.50 -12.17
CA TYR C 105 7.38 21.62 -13.43
C TYR C 105 6.81 22.61 -14.50
N GLY C 106 5.50 22.86 -14.48
CA GLY C 106 4.87 23.77 -15.45
C GLY C 106 3.52 24.31 -14.98
N SER C 107 2.69 24.73 -15.92
CA SER C 107 1.34 25.13 -15.61
C SER C 107 0.37 24.11 -16.14
N ASP C 108 -0.85 24.15 -15.63
CA ASP C 108 -1.96 23.52 -16.30
C ASP C 108 -3.18 24.43 -16.24
N SER C 109 -4.32 23.95 -16.73
CA SER C 109 -5.52 24.73 -16.64
C SER C 109 -6.79 23.88 -16.43
N LEU C 110 -7.86 24.58 -16.06
CA LEU C 110 -9.16 24.02 -15.78
C LEU C 110 -10.19 24.87 -16.43
N GLU C 111 -11.36 24.26 -16.63
CA GLU C 111 -12.44 24.88 -17.33
C GLU C 111 -13.77 24.54 -16.71
N ILE C 112 -14.75 25.37 -16.95
CA ILE C 112 -16.14 25.04 -16.62
C ILE C 112 -16.97 25.59 -17.71
N HIS C 113 -18.16 25.07 -17.91
CA HIS C 113 -19.08 25.77 -18.82
C HIS C 113 -19.37 27.18 -18.37
N GLN C 114 -19.54 28.11 -19.31
CA GLN C 114 -19.81 29.45 -18.90
C GLN C 114 -21.17 29.55 -18.21
N ASP C 115 -22.10 28.69 -18.56
CA ASP C 115 -23.44 28.73 -17.96
C ASP C 115 -23.56 27.75 -16.79
N ALA C 116 -22.45 27.33 -16.17
CA ALA C 116 -22.56 26.32 -15.07
C ALA C 116 -23.27 26.77 -13.84
N PHE C 117 -22.97 27.98 -13.40
CA PHE C 117 -23.61 28.52 -12.20
C PHE C 117 -24.53 29.70 -12.53
N LYS C 118 -25.60 29.80 -11.74
CA LYS C 118 -26.51 30.99 -11.71
C LYS C 118 -25.95 32.08 -10.83
N VAL C 119 -26.44 33.26 -10.99
CA VAL C 119 -26.01 34.38 -10.16
C VAL C 119 -26.30 34.12 -8.68
N THR C 120 -27.32 33.32 -8.38
CA THR C 120 -27.74 33.01 -7.00
C THR C 120 -26.99 31.88 -6.31
N ASP C 121 -26.14 31.20 -7.02
CA ASP C 121 -25.40 30.12 -6.50
C ASP C 121 -24.28 30.44 -5.53
N GLU C 122 -24.15 29.58 -4.54
CA GLU C 122 -23.09 29.57 -3.58
C GLU C 122 -22.45 28.16 -3.66
N VAL C 123 -21.30 28.13 -4.27
CA VAL C 123 -20.68 26.94 -4.70
C VAL C 123 -19.75 26.42 -3.61
N LEU C 124 -19.87 25.15 -3.31
CA LEU C 124 -18.98 24.40 -2.47
C LEU C 124 -18.00 23.69 -3.37
N VAL C 125 -16.72 23.89 -3.15
CA VAL C 125 -15.74 23.17 -3.87
C VAL C 125 -15.32 21.97 -3.07
N VAL C 126 -15.30 20.81 -3.71
CA VAL C 126 -14.94 19.56 -3.05
C VAL C 126 -13.78 18.95 -3.77
N ASP C 127 -12.79 18.46 -3.02
CA ASP C 127 -11.65 17.75 -3.60
C ASP C 127 -11.09 16.75 -2.58
N ASP C 128 -10.19 15.88 -3.05
CA ASP C 128 -9.62 14.84 -2.23
C ASP C 128 -8.59 15.48 -1.24
N LEU C 129 -7.78 16.41 -1.72
CA LEU C 129 -6.53 16.75 -1.06
C LEU C 129 -6.11 18.19 -1.26
N LEU C 130 -5.81 18.88 -0.18
CA LEU C 130 -5.33 20.22 -0.18
C LEU C 130 -3.86 20.05 0.11
N ALA C 131 -3.07 20.32 -0.91
CA ALA C 131 -1.67 20.33 -0.82
C ALA C 131 -1.22 21.78 -0.94
N THR C 132 -0.80 22.24 -2.13
CA THR C 132 -0.38 23.62 -2.26
C THR C 132 -1.54 24.63 -2.34
N GLY C 133 -2.70 24.21 -2.84
CA GLY C 133 -3.82 25.13 -3.05
C GLY C 133 -3.99 25.60 -4.48
N GLY C 134 -3.16 25.11 -5.40
CA GLY C 134 -3.14 25.66 -6.75
C GLY C 134 -4.41 25.37 -7.51
N THR C 135 -4.82 24.11 -7.51
CA THR C 135 -6.07 23.68 -8.17
C THR C 135 -7.30 24.18 -7.47
N ALA C 136 -7.32 24.10 -6.15
CA ALA C 136 -8.38 24.80 -5.41
C ALA C 136 -8.52 26.30 -5.80
N LYS C 137 -7.42 27.03 -5.87
CA LYS C 137 -7.49 28.44 -6.13
C LYS C 137 -7.90 28.79 -7.55
N ALA C 138 -7.33 28.04 -8.48
CA ALA C 138 -7.82 28.07 -9.89
C ALA C 138 -9.29 27.88 -9.95
N THR C 139 -9.83 26.89 -9.21
CA THR C 139 -11.27 26.62 -9.18
C THR C 139 -12.10 27.77 -8.60
N VAL C 140 -11.59 28.34 -7.51
CA VAL C 140 -12.22 29.53 -6.99
C VAL C 140 -12.21 30.59 -8.04
N ASP C 141 -11.10 30.78 -8.76
CA ASP C 141 -11.16 31.86 -9.80
C ASP C 141 -12.16 31.51 -10.89
N LEU C 142 -12.25 30.25 -11.29
CA LEU C 142 -13.23 29.92 -12.32
C LEU C 142 -14.66 30.22 -11.89
N ILE C 143 -14.97 29.96 -10.64
CA ILE C 143 -16.33 30.14 -10.22
C ILE C 143 -16.65 31.62 -10.28
N GLU C 144 -15.69 32.40 -9.80
CA GLU C 144 -15.79 33.87 -9.81
C GLU C 144 -15.65 34.56 -11.17
N LYS C 145 -15.45 33.81 -12.24
CA LYS C 145 -15.75 34.32 -13.60
C LYS C 145 -17.21 34.22 -14.02
N THR C 146 -17.98 33.34 -13.35
CA THR C 146 -19.43 33.34 -13.47
C THR C 146 -20.00 34.49 -12.59
N GLN C 147 -21.30 34.60 -12.53
CA GLN C 147 -21.87 35.60 -11.57
C GLN C 147 -21.90 35.02 -10.11
N ALA C 148 -21.62 33.73 -9.91
CA ALA C 148 -21.78 33.07 -8.63
C ALA C 148 -20.70 33.37 -7.60
N LYS C 149 -20.92 32.98 -6.37
CA LYS C 149 -19.88 33.08 -5.35
C LYS C 149 -19.44 31.70 -4.76
N VAL C 150 -18.27 31.68 -4.14
CA VAL C 150 -17.82 30.56 -3.38
C VAL C 150 -18.34 30.55 -1.96
N ALA C 151 -19.02 29.49 -1.58
CA ALA C 151 -19.48 29.30 -0.22
C ALA C 151 -18.34 28.80 0.66
N GLY C 152 -17.48 27.97 0.08
CA GLY C 152 -16.36 27.37 0.86
C GLY C 152 -15.69 26.27 0.11
N LEU C 153 -14.62 25.72 0.69
CA LEU C 153 -13.98 24.52 0.10
C LEU C 153 -13.88 23.45 1.20
N ILE C 154 -14.00 22.19 0.77
CA ILE C 154 -13.83 21.08 1.67
C ILE C 154 -13.02 19.98 1.01
N PHE C 155 -12.09 19.41 1.78
CA PHE C 155 -11.21 18.39 1.31
C PHE C 155 -11.26 17.19 2.22
N VAL C 156 -11.02 15.98 1.72
CA VAL C 156 -10.90 14.82 2.58
C VAL C 156 -9.62 14.93 3.47
N MET C 157 -8.54 15.45 2.90
CA MET C 157 -7.23 15.43 3.49
C MET C 157 -6.53 16.80 3.22
N GLU C 158 -5.64 17.20 4.12
CA GLU C 158 -4.84 18.40 4.00
C GLU C 158 -3.39 18.08 4.43
N LEU C 159 -2.44 18.44 3.60
CA LEU C 159 -1.03 18.32 3.93
C LEU C 159 -0.67 19.55 4.75
N ASP C 160 -0.55 19.38 6.07
CA ASP C 160 -0.24 20.48 7.00
C ASP C 160 0.95 21.38 6.58
N GLY C 161 0.76 22.69 6.75
CA GLY C 161 1.83 23.65 6.55
C GLY C 161 2.49 23.54 5.19
N LEU C 162 1.82 22.93 4.20
CA LEU C 162 2.28 23.11 2.83
C LEU C 162 1.75 24.42 2.22
N GLY C 163 0.91 25.17 2.93
CA GLY C 163 0.49 26.51 2.41
C GLY C 163 -0.87 26.64 1.69
N GLY C 164 -1.58 25.54 1.55
CA GLY C 164 -2.88 25.55 0.87
C GLY C 164 -3.87 26.53 1.49
N ARG C 165 -4.01 26.55 2.82
CA ARG C 165 -5.02 27.43 3.50
C ARG C 165 -4.74 28.88 3.27
N GLU C 166 -3.44 29.16 3.25
CA GLU C 166 -2.90 30.49 3.12
C GLU C 166 -3.21 31.00 1.74
N VAL C 167 -3.01 30.17 0.74
CA VAL C 167 -3.33 30.55 -0.68
C VAL C 167 -4.85 30.79 -0.88
N LEU C 168 -5.63 30.09 -0.05
CA LEU C 168 -7.11 30.16 -0.01
C LEU C 168 -7.57 31.15 1.09
N ALA C 169 -6.64 32.00 1.53
CA ALA C 169 -6.99 33.23 2.27
C ALA C 169 -8.31 33.89 1.84
N GLY C 170 -9.20 34.10 2.81
CA GLY C 170 -10.45 34.82 2.50
C GLY C 170 -11.61 33.89 2.08
N TYR C 171 -11.33 32.56 2.02
CA TYR C 171 -12.32 31.47 1.77
C TYR C 171 -12.28 30.50 2.89
N ASN C 172 -13.43 30.02 3.34
CA ASN C 172 -13.50 29.05 4.40
C ASN C 172 -13.10 27.69 3.86
N VAL C 173 -12.30 26.97 4.61
CA VAL C 173 -11.63 25.79 4.22
C VAL C 173 -11.87 24.77 5.31
N SER C 174 -12.31 23.55 4.94
CA SER C 174 -12.49 22.45 5.84
C SER C 174 -11.71 21.23 5.29
N ALA C 175 -11.11 20.45 6.18
CA ALA C 175 -10.47 19.19 5.81
C ALA C 175 -10.75 18.19 6.88
N LEU C 176 -11.13 16.96 6.52
CA LEU C 176 -11.43 15.94 7.53
C LEU C 176 -10.18 15.45 8.26
N ILE C 177 -9.09 15.23 7.55
CA ILE C 177 -7.88 14.62 8.04
C ILE C 177 -6.66 15.46 7.72
N LYS C 178 -5.78 15.66 8.71
CA LYS C 178 -4.48 16.40 8.53
C LYS C 178 -3.27 15.42 8.45
N PHE C 179 -2.46 15.54 7.40
CA PHE C 179 -1.18 14.79 7.28
C PHE C 179 -0.04 15.84 7.19
N ASP D 2 44.97 -16.20 6.61
CA ASP D 2 44.01 -15.03 6.74
C ASP D 2 42.61 -15.35 6.15
N ASP D 3 42.56 -15.88 4.91
CA ASP D 3 41.33 -16.46 4.33
C ASP D 3 40.98 -17.73 5.13
N LYS D 4 42.01 -18.56 5.42
CA LYS D 4 41.89 -19.75 6.28
C LYS D 4 41.60 -19.45 7.78
N MET D 5 42.16 -18.37 8.36
CA MET D 5 41.92 -18.05 9.78
C MET D 5 40.49 -17.53 10.09
N ASN D 6 39.90 -16.73 9.17
CA ASN D 6 38.53 -16.19 9.26
C ASN D 6 37.47 -17.28 9.15
N LEU D 7 37.62 -18.20 8.21
CA LEU D 7 36.68 -19.28 8.08
C LEU D 7 36.79 -20.14 9.31
N ASP D 8 38.02 -20.32 9.86
CA ASP D 8 38.24 -21.09 11.12
C ASP D 8 37.50 -20.51 12.32
N PHE D 9 37.54 -19.20 12.41
CA PHE D 9 36.78 -18.43 13.37
C PHE D 9 35.28 -18.72 13.25
N ILE D 10 34.77 -18.66 12.03
CA ILE D 10 33.35 -18.95 11.79
C ILE D 10 33.00 -20.40 12.08
N LYS D 11 33.79 -21.33 11.57
CA LYS D 11 33.69 -22.73 11.98
C LYS D 11 33.61 -22.90 13.53
N SER D 12 34.49 -22.23 14.27
CA SER D 12 34.61 -22.39 15.71
C SER D 12 33.34 -21.93 16.55
N LYS D 13 32.49 -21.08 15.93
CA LYS D 13 31.34 -20.51 16.63
C LYS D 13 29.98 -21.13 16.26
N ILE D 14 30.00 -22.10 15.36
CA ILE D 14 28.85 -22.85 14.95
C ILE D 14 28.91 -24.16 15.71
N ALA D 15 27.93 -24.39 16.60
CA ALA D 15 27.96 -25.54 17.48
C ALA D 15 27.18 -26.73 16.89
N ALA D 16 27.62 -27.92 17.19
CA ALA D 16 26.99 -29.15 16.70
C ALA D 16 26.03 -29.59 17.77
N VAL D 17 24.75 -29.72 17.45
CA VAL D 17 23.78 -30.12 18.43
C VAL D 17 23.19 -31.45 18.03
N PRO D 18 23.43 -32.50 18.82
CA PRO D 18 22.99 -33.81 18.36
C PRO D 18 21.51 -33.96 18.65
N ASP D 19 20.81 -34.59 17.71
CA ASP D 19 19.45 -35.06 17.93
C ASP D 19 18.48 -33.87 17.98
N PHE D 20 18.63 -32.95 17.04
CA PHE D 20 17.68 -31.86 16.94
C PHE D 20 17.48 -31.54 15.45
N PRO D 21 16.25 -31.31 15.03
CA PRO D 21 15.02 -31.24 15.88
C PRO D 21 14.41 -32.60 16.29
N LYS D 22 14.63 -33.65 15.49
CA LYS D 22 14.30 -35.01 15.88
C LYS D 22 15.59 -35.78 16.11
N PRO D 23 15.55 -36.84 16.95
CA PRO D 23 16.62 -37.83 17.03
C PRO D 23 17.21 -38.22 15.66
N GLY D 24 18.53 -38.45 15.61
CA GLY D 24 19.24 -38.74 14.37
C GLY D 24 19.96 -37.50 13.88
N ILE D 25 19.18 -36.44 13.57
CA ILE D 25 19.70 -35.17 12.96
C ILE D 25 20.81 -34.46 13.80
N MET D 26 21.85 -33.99 13.09
CA MET D 26 22.95 -33.18 13.68
C MET D 26 22.72 -31.72 13.29
N PHE D 27 22.25 -30.91 14.24
CA PHE D 27 21.92 -29.51 13.95
C PHE D 27 23.12 -28.57 14.07
N ARG D 28 23.12 -27.54 13.21
CA ARG D 28 24.23 -26.58 13.20
C ARG D 28 23.67 -25.32 13.83
N ASP D 29 24.15 -24.99 15.01
CA ASP D 29 23.62 -23.88 15.82
C ASP D 29 24.51 -22.68 15.66
N ILE D 30 23.94 -21.64 15.06
CA ILE D 30 24.61 -20.36 14.86
C ILE D 30 24.54 -19.36 16.02
N THR D 31 23.83 -19.66 17.09
CA THR D 31 23.66 -18.68 18.13
C THR D 31 25.00 -18.21 18.69
N PRO D 32 26.00 -19.11 18.90
CA PRO D 32 27.34 -18.52 19.40
C PRO D 32 28.01 -17.59 18.40
N LEU D 33 27.96 -17.94 17.12
CA LEU D 33 28.41 -17.00 16.13
C LEU D 33 27.74 -15.63 16.27
N LEU D 34 26.40 -15.61 16.36
CA LEU D 34 25.68 -14.33 16.39
C LEU D 34 26.01 -13.53 17.65
N ALA D 35 26.21 -14.21 18.78
CA ALA D 35 26.46 -13.61 20.10
C ALA D 35 27.81 -12.96 20.16
N ASP D 36 28.72 -13.46 19.36
CA ASP D 36 30.06 -12.88 19.34
C ASP D 36 30.09 -11.52 18.63
N PRO D 37 30.68 -10.47 19.25
CA PRO D 37 30.74 -9.12 18.63
C PRO D 37 31.19 -9.06 17.17
N GLN D 38 32.04 -9.98 16.74
CA GLN D 38 32.61 -10.02 15.37
C GLN D 38 32.03 -11.13 14.55
N GLY D 39 31.03 -11.82 15.11
CA GLY D 39 30.51 -12.98 14.43
C GLY D 39 29.86 -12.69 13.09
N LEU D 40 28.77 -11.93 13.12
CA LEU D 40 28.13 -11.51 11.89
C LEU D 40 29.05 -10.78 10.90
N ARG D 41 29.77 -9.82 11.47
CA ARG D 41 30.70 -9.01 10.67
CA ARG D 41 30.80 -9.01 10.79
C ARG D 41 31.66 -9.89 9.89
N LYS D 42 32.32 -10.86 10.52
CA LYS D 42 33.32 -11.67 9.81
C LYS D 42 32.68 -12.60 8.82
N THR D 43 31.49 -13.11 9.19
CA THR D 43 30.67 -13.89 8.31
C THR D 43 30.34 -13.10 7.00
N ALA D 44 29.78 -11.91 7.14
CA ALA D 44 29.44 -11.11 5.95
C ALA D 44 30.68 -10.75 5.13
N GLU D 45 31.73 -10.30 5.81
CA GLU D 45 33.03 -10.03 5.20
C GLU D 45 33.53 -11.23 4.45
N ALA D 46 33.44 -12.41 5.04
CA ALA D 46 33.89 -13.62 4.32
C ALA D 46 33.02 -13.95 3.08
N MET D 47 31.70 -13.72 3.19
CA MET D 47 30.82 -13.73 2.02
C MET D 47 31.18 -12.62 0.99
N ALA D 48 31.39 -11.38 1.40
CA ALA D 48 31.85 -10.35 0.42
C ALA D 48 33.14 -10.81 -0.28
N GLN D 49 34.05 -11.37 0.49
CA GLN D 49 35.33 -11.87 -0.04
C GLN D 49 35.09 -12.96 -1.11
N GLU D 50 34.22 -13.92 -0.83
CA GLU D 50 33.87 -14.97 -1.78
C GLU D 50 33.23 -14.42 -3.05
N LEU D 51 32.41 -13.40 -2.91
CA LEU D 51 31.73 -12.86 -4.08
C LEU D 51 32.79 -12.30 -5.10
N LYS D 52 33.50 -11.23 -4.76
CA LYS D 52 34.85 -10.92 -5.35
C LYS D 52 35.54 -12.11 -6.11
N ASN D 53 36.04 -13.10 -5.36
CA ASN D 53 36.72 -14.29 -5.92
C ASN D 53 35.96 -14.96 -7.08
N LYS D 54 34.61 -15.03 -6.93
CA LYS D 54 33.72 -15.65 -7.92
C LYS D 54 33.18 -14.69 -8.97
N GLY D 55 33.53 -13.41 -8.88
CA GLY D 55 33.02 -12.40 -9.82
C GLY D 55 31.54 -12.00 -9.80
N ILE D 56 30.83 -12.29 -8.74
CA ILE D 56 29.43 -11.81 -8.60
C ILE D 56 29.32 -10.35 -8.08
N GLN D 57 28.39 -9.63 -8.72
CA GLN D 57 28.27 -8.18 -8.69
C GLN D 57 26.76 -7.91 -8.50
N PRO D 58 26.28 -7.89 -7.24
CA PRO D 58 24.85 -7.83 -6.98
C PRO D 58 24.32 -6.41 -6.84
N THR D 59 23.04 -6.19 -7.13
CA THR D 59 22.36 -4.91 -6.96
C THR D 59 21.68 -4.72 -5.59
N ILE D 60 21.40 -5.89 -5.01
CA ILE D 60 20.37 -6.02 -4.01
C ILE D 60 20.39 -7.45 -3.48
N VAL D 61 20.12 -7.60 -2.17
CA VAL D 61 20.16 -8.90 -1.50
C VAL D 61 18.75 -9.36 -1.15
N ALA D 62 18.53 -10.67 -1.23
CA ALA D 62 17.28 -11.28 -0.75
C ALA D 62 17.58 -12.43 0.16
N GLY D 63 16.77 -12.67 1.18
CA GLY D 63 17.03 -13.80 2.09
C GLY D 63 15.74 -14.29 2.63
N THR D 64 15.67 -15.62 2.90
CA THR D 64 14.49 -16.22 3.56
C THR D 64 14.40 -16.08 5.05
N GLU D 65 13.20 -16.26 5.49
CA GLU D 65 12.81 -16.09 6.82
C GLU D 65 13.30 -17.36 7.46
N SER D 66 13.90 -17.29 8.66
CA SER D 66 14.38 -16.10 9.37
C SER D 66 15.90 -16.00 9.43
N ARG D 67 16.62 -17.11 9.26
CA ARG D 67 18.06 -17.05 9.32
C ARG D 67 18.71 -16.36 8.09
N GLY D 68 18.09 -16.42 6.93
CA GLY D 68 18.47 -15.63 5.78
C GLY D 68 18.24 -14.13 5.99
N PHE D 69 17.26 -13.72 6.79
CA PHE D 69 17.26 -12.29 7.23
C PHE D 69 18.55 -11.87 7.93
N ILE D 70 19.02 -12.68 8.87
CA ILE D 70 20.10 -12.31 9.70
C ILE D 70 21.33 -12.15 8.85
N PHE D 71 21.67 -13.18 8.08
CA PHE D 71 22.89 -13.06 7.28
C PHE D 71 22.71 -12.24 6.09
N GLY D 72 21.49 -12.20 5.58
CA GLY D 72 21.16 -11.32 4.46
C GLY D 72 21.37 -9.83 4.77
N VAL D 73 20.89 -9.35 5.91
CA VAL D 73 21.06 -7.97 6.31
C VAL D 73 22.50 -7.63 6.62
N ALA D 74 23.18 -8.52 7.31
CA ALA D 74 24.61 -8.31 7.58
C ALA D 74 25.34 -8.03 6.30
N LEU D 75 25.09 -8.86 5.28
CA LEU D 75 25.86 -8.81 4.10
C LEU D 75 25.43 -7.56 3.33
N ALA D 76 24.14 -7.25 3.33
CA ALA D 76 23.62 -6.07 2.65
C ALA D 76 24.08 -4.72 3.27
N GLU D 77 24.23 -4.65 4.58
CA GLU D 77 24.91 -3.53 5.22
C GLU D 77 26.38 -3.43 4.75
N VAL D 78 27.14 -4.52 4.78
CA VAL D 78 28.54 -4.48 4.26
C VAL D 78 28.76 -4.01 2.78
N LEU D 79 27.90 -4.48 1.89
CA LEU D 79 27.96 -4.13 0.45
C LEU D 79 27.18 -2.84 0.09
N GLY D 80 26.60 -2.20 1.10
CA GLY D 80 25.84 -0.98 0.94
C GLY D 80 24.60 -1.06 0.10
N LEU D 81 23.93 -2.25 0.09
CA LEU D 81 22.71 -2.51 -0.73
C LEU D 81 21.49 -2.77 0.11
N GLY D 82 20.35 -2.73 -0.56
CA GLY D 82 19.03 -2.94 0.09
C GLY D 82 18.84 -4.39 0.46
N PHE D 83 17.83 -4.66 1.26
CA PHE D 83 17.39 -6.03 1.53
C PHE D 83 15.90 -6.26 1.22
N VAL D 84 15.59 -7.39 0.57
CA VAL D 84 14.24 -7.89 0.37
C VAL D 84 13.98 -9.27 1.07
N PRO D 85 12.93 -9.32 1.87
CA PRO D 85 12.68 -10.49 2.60
C PRO D 85 11.81 -11.37 1.80
N VAL D 86 12.18 -12.66 1.74
CA VAL D 86 11.41 -13.68 1.05
C VAL D 86 10.65 -14.43 2.17
N ARG D 87 9.33 -14.43 2.14
CA ARG D 87 8.62 -14.71 3.38
C ARG D 87 7.71 -15.86 3.23
N LYS D 88 7.32 -16.45 4.36
CA LYS D 88 6.21 -17.43 4.39
C LYS D 88 4.83 -16.74 4.17
N PRO D 89 3.85 -17.44 3.55
CA PRO D 89 2.54 -16.82 3.22
C PRO D 89 1.84 -16.04 4.35
N GLY D 90 1.22 -14.90 4.00
CA GLY D 90 0.42 -14.13 4.96
C GLY D 90 1.18 -13.15 5.83
N LYS D 91 2.48 -13.00 5.54
CA LYS D 91 3.30 -12.11 6.35
C LYS D 91 3.57 -10.86 5.55
N LEU D 92 3.79 -10.99 4.25
CA LEU D 92 3.83 -9.81 3.40
C LEU D 92 2.45 -9.15 3.15
N PRO D 93 2.34 -7.80 3.34
CA PRO D 93 1.09 -7.03 3.20
C PRO D 93 0.63 -6.60 1.77
N ARG D 94 1.52 -6.29 0.85
CA ARG D 94 1.07 -5.79 -0.53
C ARG D 94 1.08 -6.93 -1.61
N ALA D 95 1.02 -6.57 -2.88
CA ALA D 95 0.83 -7.57 -3.92
C ALA D 95 2.03 -8.52 -3.92
N THR D 96 1.73 -9.80 -4.01
CA THR D 96 2.79 -10.81 -4.06
C THR D 96 2.76 -11.68 -5.29
N TYR D 97 3.95 -12.18 -5.61
CA TYR D 97 4.20 -13.41 -6.33
C TYR D 97 4.48 -14.45 -5.28
N SER D 98 4.25 -15.69 -5.68
CA SER D 98 4.19 -16.90 -4.80
C SER D 98 4.71 -18.09 -5.62
N VAL D 99 5.46 -18.96 -4.96
CA VAL D 99 5.91 -20.25 -5.54
C VAL D 99 5.68 -21.33 -4.49
N LYS D 100 5.12 -22.43 -4.93
CA LYS D 100 4.77 -23.55 -4.10
C LYS D 100 5.88 -24.57 -4.40
N TYR D 101 6.48 -25.17 -3.37
CA TYR D 101 7.58 -26.19 -3.53
C TYR D 101 7.45 -27.35 -2.49
N ASP D 102 8.02 -28.51 -2.81
CA ASP D 102 7.89 -29.75 -2.02
C ASP D 102 8.83 -29.74 -0.80
N LEU D 103 8.27 -29.95 0.39
CA LEU D 103 9.09 -30.21 1.61
C LEU D 103 9.39 -31.71 1.77
N GLU D 104 10.19 -32.03 2.78
CA GLU D 104 10.12 -33.33 3.50
C GLU D 104 8.68 -33.87 3.57
N TYR D 105 7.76 -33.12 4.21
CA TYR D 105 6.33 -33.49 4.33
C TYR D 105 5.32 -32.54 3.59
N GLY D 106 4.82 -32.97 2.43
CA GLY D 106 3.87 -32.16 1.64
C GLY D 106 4.50 -30.95 0.90
N SER D 107 4.04 -29.75 1.21
CA SER D 107 4.48 -28.51 0.51
C SER D 107 4.17 -27.20 1.27
N ASP D 108 5.04 -26.21 1.14
CA ASP D 108 4.76 -24.82 1.54
C ASP D 108 5.09 -23.88 0.36
N SER D 109 4.92 -22.59 0.60
CA SER D 109 5.10 -21.55 -0.39
C SER D 109 6.10 -20.54 0.11
N LEU D 110 6.75 -19.81 -0.79
CA LEU D 110 7.38 -18.57 -0.43
C LEU D 110 6.79 -17.48 -1.28
N GLU D 111 6.89 -16.25 -0.74
CA GLU D 111 6.35 -15.08 -1.38
C GLU D 111 7.36 -13.98 -1.38
N ILE D 112 7.26 -13.09 -2.36
CA ILE D 112 7.90 -11.76 -2.30
C ILE D 112 6.87 -10.77 -2.82
N HIS D 113 7.04 -9.52 -2.42
CA HIS D 113 6.35 -8.41 -3.04
C HIS D 113 6.65 -8.30 -4.54
N GLN D 114 5.60 -8.13 -5.30
CA GLN D 114 5.75 -7.88 -6.74
C GLN D 114 6.69 -6.75 -7.11
N ASP D 115 6.75 -5.69 -6.28
CA ASP D 115 7.59 -4.51 -6.55
C ASP D 115 8.98 -4.56 -5.88
N ALA D 116 9.40 -5.75 -5.47
CA ALA D 116 10.57 -5.89 -4.64
C ALA D 116 11.83 -5.65 -5.48
N PHE D 117 11.82 -6.17 -6.70
CA PHE D 117 12.91 -5.98 -7.62
C PHE D 117 12.47 -5.11 -8.81
N LYS D 118 13.23 -4.01 -9.01
CA LYS D 118 13.35 -3.32 -10.31
C LYS D 118 13.87 -4.31 -11.35
N VAL D 119 13.57 -4.04 -12.61
CA VAL D 119 14.04 -4.82 -13.79
C VAL D 119 15.58 -4.74 -14.09
N THR D 120 16.25 -3.66 -13.67
CA THR D 120 17.72 -3.61 -13.46
C THR D 120 18.25 -4.88 -12.77
N ASP D 121 17.58 -5.29 -11.68
CA ASP D 121 18.24 -5.99 -10.56
C ASP D 121 18.93 -7.35 -10.86
N GLU D 122 20.11 -7.44 -10.24
CA GLU D 122 20.91 -8.65 -10.14
C GLU D 122 20.91 -9.08 -8.66
N VAL D 123 20.06 -10.06 -8.35
CA VAL D 123 19.77 -10.43 -6.95
C VAL D 123 20.77 -11.48 -6.36
N LEU D 124 21.27 -11.22 -5.15
CA LEU D 124 21.99 -12.20 -4.37
C LEU D 124 21.07 -12.80 -3.36
N VAL D 125 20.92 -14.11 -3.41
CA VAL D 125 20.18 -14.85 -2.42
C VAL D 125 21.14 -15.30 -1.33
N VAL D 126 20.76 -15.14 -0.09
CA VAL D 126 21.59 -15.47 1.04
C VAL D 126 20.75 -16.32 1.94
N ASP D 127 21.35 -17.39 2.44
CA ASP D 127 20.70 -18.24 3.42
C ASP D 127 21.74 -18.90 4.28
N ASP D 128 21.26 -19.60 5.30
CA ASP D 128 22.17 -20.22 6.24
C ASP D 128 22.72 -21.51 5.64
N LEU D 129 21.88 -22.32 4.99
CA LEU D 129 22.23 -23.71 4.80
C LEU D 129 21.77 -24.11 3.47
N LEU D 130 22.69 -24.67 2.69
CA LEU D 130 22.36 -25.42 1.50
C LEU D 130 22.28 -26.86 1.94
N ALA D 131 21.05 -27.35 2.04
CA ALA D 131 20.72 -28.75 2.20
C ALA D 131 20.29 -29.46 0.84
N THR D 132 18.98 -29.67 0.59
CA THR D 132 18.46 -30.28 -0.65
C THR D 132 18.16 -29.26 -1.75
N GLY D 133 18.33 -27.96 -1.43
CA GLY D 133 18.09 -26.88 -2.39
C GLY D 133 16.69 -26.41 -2.64
N GLY D 134 15.69 -27.01 -2.01
CA GLY D 134 14.29 -26.70 -2.36
C GLY D 134 13.89 -25.25 -2.18
N THR D 135 14.23 -24.72 -1.02
CA THR D 135 13.91 -23.37 -0.63
C THR D 135 14.63 -22.34 -1.51
N ALA D 136 15.91 -22.59 -1.71
CA ALA D 136 16.71 -21.80 -2.67
C ALA D 136 16.14 -21.76 -4.11
N LYS D 137 15.70 -22.93 -4.59
CA LYS D 137 15.17 -23.08 -5.96
C LYS D 137 13.86 -22.31 -6.05
N ALA D 138 13.03 -22.55 -5.08
CA ALA D 138 11.81 -21.76 -4.95
C ALA D 138 12.10 -20.25 -4.93
N THR D 139 13.19 -19.86 -4.29
CA THR D 139 13.53 -18.47 -4.23
C THR D 139 13.98 -18.01 -5.59
N VAL D 140 14.84 -18.78 -6.24
CA VAL D 140 15.24 -18.43 -7.56
C VAL D 140 14.01 -18.27 -8.50
N ASP D 141 13.09 -19.22 -8.45
CA ASP D 141 11.88 -19.18 -9.33
C ASP D 141 11.07 -17.93 -8.99
N LEU D 142 11.09 -17.45 -7.72
CA LEU D 142 10.39 -16.21 -7.35
C LEU D 142 10.99 -14.97 -7.92
N ILE D 143 12.30 -14.91 -7.82
CA ILE D 143 13.02 -13.78 -8.37
C ILE D 143 12.75 -13.68 -9.90
N GLU D 144 12.74 -14.81 -10.58
CA GLU D 144 12.56 -14.82 -12.06
C GLU D 144 11.17 -14.35 -12.60
N LYS D 145 10.20 -14.22 -11.70
CA LYS D 145 8.87 -13.62 -11.98
C LYS D 145 8.78 -12.10 -11.99
N THR D 146 9.70 -11.42 -11.31
CA THR D 146 9.83 -9.97 -11.46
C THR D 146 10.56 -9.54 -12.76
N GLN D 147 11.12 -10.51 -13.49
CA GLN D 147 12.06 -10.26 -14.56
C GLN D 147 13.28 -9.33 -14.13
N ALA D 148 13.80 -9.58 -12.92
CA ALA D 148 15.15 -9.20 -12.56
C ALA D 148 15.88 -10.54 -12.61
N LYS D 149 17.21 -10.59 -12.66
CA LYS D 149 17.86 -11.95 -12.63
C LYS D 149 18.62 -12.25 -11.32
N VAL D 150 18.91 -13.53 -11.18
CA VAL D 150 19.66 -14.04 -10.11
C VAL D 150 21.14 -13.89 -10.39
N ALA D 151 21.82 -13.04 -9.62
CA ALA D 151 23.28 -12.95 -9.59
C ALA D 151 23.93 -14.27 -9.07
N GLY D 152 23.43 -14.75 -7.96
CA GLY D 152 23.81 -16.06 -7.41
C GLY D 152 23.15 -16.29 -6.05
N LEU D 153 23.65 -17.32 -5.37
CA LEU D 153 23.23 -17.69 -4.01
C LEU D 153 24.48 -17.95 -3.22
N ILE D 154 24.48 -17.50 -1.97
CA ILE D 154 25.55 -17.74 -1.06
C ILE D 154 25.00 -18.18 0.30
N PHE D 155 25.68 -19.16 0.87
CA PHE D 155 25.29 -19.85 2.04
C PHE D 155 26.39 -19.84 3.05
N VAL D 156 26.04 -19.92 4.33
CA VAL D 156 27.08 -20.02 5.35
C VAL D 156 27.65 -21.45 5.27
N MET D 157 26.75 -22.42 5.20
CA MET D 157 27.09 -23.85 5.26
C MET D 157 26.52 -24.61 4.08
N GLU D 158 27.19 -25.66 3.66
CA GLU D 158 26.61 -26.59 2.72
C GLU D 158 26.65 -28.04 3.27
N LEU D 159 25.51 -28.76 3.20
CA LEU D 159 25.55 -30.18 3.54
C LEU D 159 25.95 -31.04 2.33
N ASP D 160 27.06 -31.77 2.49
CA ASP D 160 27.65 -32.54 1.39
C ASP D 160 26.73 -33.72 1.08
N GLY D 161 26.55 -33.95 -0.22
CA GLY D 161 25.89 -35.14 -0.74
C GLY D 161 24.39 -35.04 -0.84
N LEU D 162 23.80 -33.96 -0.31
CA LEU D 162 22.33 -33.88 -0.30
C LEU D 162 21.70 -33.34 -1.58
N GLY D 163 22.49 -32.81 -2.50
CA GLY D 163 22.02 -32.54 -3.86
C GLY D 163 21.60 -31.12 -4.14
N GLY D 164 21.88 -30.20 -3.20
CA GLY D 164 21.41 -28.83 -3.35
C GLY D 164 21.94 -28.16 -4.60
N ARG D 165 23.23 -28.33 -4.80
CA ARG D 165 24.00 -27.59 -5.82
C ARG D 165 23.60 -28.00 -7.21
N GLU D 166 23.32 -29.30 -7.33
CA GLU D 166 22.75 -29.93 -8.51
C GLU D 166 21.38 -29.35 -8.78
N VAL D 167 20.53 -29.21 -7.75
CA VAL D 167 19.20 -28.57 -7.96
C VAL D 167 19.34 -27.17 -8.50
N LEU D 168 20.40 -26.48 -8.08
CA LEU D 168 20.67 -25.11 -8.46
C LEU D 168 21.61 -25.03 -9.66
N ALA D 169 21.70 -26.10 -10.45
CA ALA D 169 22.55 -26.03 -11.65
C ALA D 169 22.12 -24.85 -12.56
N GLY D 170 23.11 -24.13 -13.09
CA GLY D 170 22.87 -22.92 -13.87
C GLY D 170 23.12 -21.65 -13.09
N TYR D 171 23.13 -21.75 -11.77
CA TYR D 171 23.32 -20.56 -10.96
C TYR D 171 24.70 -20.56 -10.29
N ASN D 172 25.21 -19.36 -10.03
CA ASN D 172 26.46 -19.22 -9.31
C ASN D 172 26.23 -19.47 -7.76
N VAL D 173 26.69 -20.60 -7.25
CA VAL D 173 26.43 -21.04 -5.87
C VAL D 173 27.72 -21.09 -5.07
N SER D 174 27.77 -20.34 -3.97
CA SER D 174 28.91 -20.38 -3.01
C SER D 174 28.49 -20.69 -1.56
N ALA D 175 29.39 -21.33 -0.84
CA ALA D 175 29.20 -21.69 0.55
C ALA D 175 30.52 -21.64 1.28
N LEU D 176 30.56 -20.82 2.34
CA LEU D 176 31.74 -20.70 3.15
C LEU D 176 32.21 -22.05 3.74
N ILE D 177 31.29 -22.87 4.29
CA ILE D 177 31.67 -24.06 5.08
C ILE D 177 31.00 -25.35 4.58
N LYS D 178 31.78 -26.41 4.38
CA LYS D 178 31.22 -27.70 3.94
C LYS D 178 31.22 -28.68 5.11
N PHE D 179 30.06 -29.29 5.40
CA PHE D 179 29.88 -30.27 6.51
C PHE D 179 29.41 -31.62 5.90
#